data_2BDZ
#
_entry.id   2BDZ
#
_cell.length_a   57.356
_cell.length_b   90.454
_cell.length_c   80.391
_cell.angle_alpha   90.00
_cell.angle_beta   92.636
_cell.angle_gamma   90.00
#
_symmetry.space_group_name_H-M   'P 1 21 1'
#
loop_
_entity.id
_entity.type
_entity.pdbx_description
1 polymer Mexicain
2 non-polymer N-[N-[1-HYDROXYCARBOXYETHYL-CARBONYL]LEUCYLAMINO-BUTYL]-GUANIDINE
3 water water
#
_entity_poly.entity_id   1
_entity_poly.type   'polypeptide(L)'
_entity_poly.pdbx_seq_one_letter_code
;YPESIDWREKGAVTPVKNQNPCGSCWAFSTVATIEGINKIITGQLISLSEQELLDCERRSHGCDGGYQTTSLQYVVDNGV
HTEREYPYEKKQGRCRAKDKKGPKVYITGYKYVPANDEISLIQAIANQPVSVVTDSRGRGFQFYKGGIYEGPCGTNTDHA
VTAVGYGKTYLLLKNSWGPNWGEKGYIRIKRASGRSKGTCGVYTSSFFPIKGYR
;
_entity_poly.pdbx_strand_id   A,B,C,D
#
# COMPACT_ATOMS: atom_id res chain seq x y z
N TYR A 1 22.06 28.87 -2.07
CA TYR A 1 21.09 27.83 -2.53
C TYR A 1 20.69 28.10 -3.99
N PRO A 2 20.42 27.03 -4.77
CA PRO A 2 19.91 27.25 -6.13
C PRO A 2 18.53 27.90 -6.12
N GLU A 3 18.19 28.61 -7.19
CA GLU A 3 16.88 29.26 -7.31
C GLU A 3 15.72 28.28 -7.15
N SER A 4 15.90 27.05 -7.64
CA SER A 4 14.92 26.00 -7.47
C SER A 4 15.58 24.63 -7.39
N ILE A 5 14.86 23.66 -6.84
CA ILE A 5 15.33 22.29 -6.83
C ILE A 5 14.11 21.35 -6.85
N ASP A 6 14.26 20.21 -7.52
CA ASP A 6 13.26 19.15 -7.51
C ASP A 6 14.03 17.85 -7.28
N TRP A 7 13.91 17.32 -6.06
CA TRP A 7 14.56 16.06 -5.72
C TRP A 7 13.97 14.86 -6.46
N ARG A 8 12.75 15.01 -6.98
CA ARG A 8 12.16 13.98 -7.87
C ARG A 8 13.03 13.85 -9.10
N GLU A 9 13.26 14.99 -9.77
CA GLU A 9 14.10 15.08 -10.93
C GLU A 9 15.55 14.64 -10.64
N LYS A 10 16.04 14.95 -9.44
CA LYS A 10 17.37 14.49 -9.03
C LYS A 10 17.37 13.00 -8.63
N GLY A 11 16.21 12.35 -8.70
CA GLY A 11 16.11 10.91 -8.44
C GLY A 11 16.12 10.48 -6.99
N ALA A 12 15.75 11.39 -6.09
CA ALA A 12 15.82 11.13 -4.64
C ALA A 12 14.45 10.93 -4.01
N VAL A 13 13.43 10.71 -4.84
CA VAL A 13 12.05 10.59 -4.38
C VAL A 13 11.39 9.36 -5.00
N THR A 14 10.78 8.54 -4.14
CA THR A 14 10.07 7.33 -4.58
C THR A 14 8.63 7.68 -5.00
N PRO A 15 7.94 6.75 -5.69
CA PRO A 15 6.54 6.96 -6.00
C PRO A 15 5.71 7.37 -4.77
N VAL A 16 4.66 8.14 -5.01
CA VAL A 16 3.73 8.56 -3.97
C VAL A 16 3.07 7.33 -3.33
N LYS A 17 2.89 7.39 -2.01
CA LYS A 17 2.28 6.30 -1.27
C LYS A 17 0.91 6.75 -0.74
N ASN A 18 0.15 5.80 -0.19
CA ASN A 18 -1.15 6.09 0.38
C ASN A 18 -1.24 5.53 1.79
N GLN A 19 -1.23 6.43 2.77
CA GLN A 19 -1.34 6.05 4.18
C GLN A 19 -2.74 5.58 4.58
N ASN A 20 -3.75 5.99 3.82
CA ASN A 20 -5.14 5.87 4.25
C ASN A 20 -5.60 4.42 4.44
N PRO A 21 -6.49 4.17 5.45
CA PRO A 21 -7.12 5.16 6.34
C PRO A 21 -6.39 5.41 7.68
N CYS A 22 -5.17 4.89 7.80
CA CYS A 22 -4.38 5.00 9.02
C CYS A 22 -3.71 6.37 9.14
N GLY A 23 -3.91 7.03 10.28
CA GLY A 23 -3.34 8.36 10.55
C GLY A 23 -1.86 8.29 10.90
N SER A 24 -1.04 7.77 9.99
CA SER A 24 0.38 7.57 10.27
C SER A 24 1.31 8.47 9.45
N CYS A 25 0.85 9.69 9.15
CA CYS A 25 1.64 10.66 8.39
C CYS A 25 3.04 10.85 8.94
N TRP A 26 3.18 10.83 10.28
CA TRP A 26 4.49 10.98 10.93
C TRP A 26 5.51 10.00 10.34
N ALA A 27 5.08 8.75 10.13
CA ALA A 27 5.92 7.68 9.58
C ALA A 27 6.25 7.90 8.11
N PHE A 28 5.24 8.29 7.34
CA PHE A 28 5.43 8.58 5.92
C PHE A 28 6.39 9.74 5.71
N SER A 29 6.19 10.81 6.46
CA SER A 29 7.07 11.97 6.42
C SER A 29 8.53 11.59 6.69
N THR A 30 8.76 10.88 7.78
CA THR A 30 10.13 10.46 8.14
C THR A 30 10.75 9.55 7.09
N VAL A 31 10.02 8.51 6.69
CA VAL A 31 10.54 7.53 5.73
C VAL A 31 10.94 8.21 4.42
N ALA A 32 10.13 9.16 3.95
CA ALA A 32 10.46 9.85 2.70
C ALA A 32 11.77 10.61 2.83
N THR A 33 12.05 11.16 4.00
CA THR A 33 13.31 11.88 4.21
C THR A 33 14.46 10.89 4.19
N ILE A 34 14.27 9.73 4.83
CA ILE A 34 15.26 8.64 4.80
C ILE A 34 15.52 8.14 3.37
N GLU A 35 14.45 7.85 2.62
CA GLU A 35 14.58 7.45 1.22
C GLU A 35 15.43 8.47 0.46
N GLY A 36 15.18 9.76 0.73
CA GLY A 36 15.89 10.86 0.08
C GLY A 36 17.36 10.96 0.39
N ILE A 37 17.70 10.88 1.67
CA ILE A 37 19.10 11.06 2.11
C ILE A 37 19.95 9.82 1.74
N ASN A 38 19.33 8.64 1.80
CA ASN A 38 19.99 7.42 1.36
C ASN A 38 20.45 7.52 -0.10
N LYS A 39 19.56 7.98 -0.99
CA LYS A 39 19.92 8.20 -2.39
C LYS A 39 21.05 9.22 -2.57
N ILE A 40 20.92 10.36 -1.88
CA ILE A 40 21.92 11.42 -1.95
C ILE A 40 23.31 10.89 -1.57
N ILE A 41 23.37 10.07 -0.52
CA ILE A 41 24.64 9.55 -0.01
C ILE A 41 25.14 8.28 -0.74
N THR A 42 24.23 7.34 -1.04
CA THR A 42 24.65 6.03 -1.57
C THR A 42 24.34 5.82 -3.06
N GLY A 43 23.52 6.69 -3.65
CA GLY A 43 23.14 6.54 -5.05
C GLY A 43 21.97 5.61 -5.28
N GLN A 44 21.42 5.06 -4.20
CA GLN A 44 20.33 4.10 -4.29
C GLN A 44 19.01 4.69 -3.85
N LEU A 45 17.99 4.55 -4.70
CA LEU A 45 16.62 4.91 -4.35
C LEU A 45 15.76 3.66 -4.09
N ILE A 46 15.46 3.44 -2.82
CA ILE A 46 14.66 2.29 -2.41
C ILE A 46 13.50 2.72 -1.50
N SER A 47 12.31 2.20 -1.78
CA SER A 47 11.14 2.44 -0.94
C SER A 47 11.31 1.71 0.37
N LEU A 48 11.25 2.46 1.46
CA LEU A 48 11.47 1.90 2.79
C LEU A 48 10.15 1.74 3.56
N SER A 49 10.23 1.20 4.77
CA SER A 49 9.01 0.69 5.46
C SER A 49 8.34 1.62 6.48
N GLU A 50 7.24 2.27 6.09
CA GLU A 50 6.39 2.98 7.08
C GLU A 50 5.84 2.01 8.11
N GLN A 51 5.50 0.79 7.67
CA GLN A 51 4.94 -0.23 8.57
C GLN A 51 5.86 -0.57 9.74
N GLU A 52 7.17 -0.63 9.51
CA GLU A 52 8.10 -0.85 10.62
C GLU A 52 8.02 0.23 11.70
N LEU A 53 8.07 1.50 11.30
CA LEU A 53 7.88 2.62 12.22
C LEU A 53 6.54 2.53 12.96
N LEU A 54 5.47 2.31 12.18
CA LEU A 54 4.14 2.09 12.72
C LEU A 54 4.13 1.01 13.82
N ASP A 55 4.68 -0.17 13.51
CA ASP A 55 4.65 -1.32 14.44
C ASP A 55 5.65 -1.20 15.58
N CYS A 56 6.77 -0.52 15.33
CA CYS A 56 7.94 -0.63 16.21
C CYS A 56 8.29 0.66 16.96
N GLU A 57 7.85 1.80 16.44
CA GLU A 57 8.15 3.06 17.06
C GLU A 57 6.94 3.49 17.88
N ARG A 58 6.90 3.04 19.13
CA ARG A 58 5.71 3.21 19.97
C ARG A 58 5.85 4.27 21.07
N ARG A 59 6.69 5.28 20.85
CA ARG A 59 6.52 6.55 21.53
C ARG A 59 5.45 7.34 20.76
N SER A 60 5.45 7.21 19.44
CA SER A 60 4.36 7.73 18.58
C SER A 60 3.15 6.82 18.81
N HIS A 61 1.97 7.29 18.42
CA HIS A 61 0.73 6.61 18.74
C HIS A 61 0.08 5.91 17.55
N GLY A 62 0.90 5.25 16.74
CA GLY A 62 0.41 4.41 15.62
C GLY A 62 -0.44 5.18 14.63
N CYS A 63 -1.65 4.68 14.34
CA CYS A 63 -2.59 5.34 13.41
C CYS A 63 -3.29 6.58 14.02
N ASP A 64 -3.05 6.81 15.31
CA ASP A 64 -3.53 8.01 16.01
C ASP A 64 -2.54 9.17 16.00
N GLY A 65 -1.43 9.02 15.25
CA GLY A 65 -0.50 10.12 15.07
C GLY A 65 0.82 9.95 15.81
N GLY A 66 1.82 10.76 15.47
CA GLY A 66 3.13 10.62 16.09
C GLY A 66 4.02 11.82 15.93
N TYR A 67 5.32 11.58 16.11
CA TYR A 67 6.33 12.66 16.25
C TYR A 67 7.47 12.51 15.27
N GLN A 68 8.02 13.65 14.85
CA GLN A 68 9.14 13.66 13.90
C GLN A 68 10.41 13.22 14.59
N THR A 69 10.64 13.69 15.80
CA THR A 69 11.86 13.37 16.56
C THR A 69 11.97 11.89 16.91
N THR A 70 10.90 11.31 17.49
CA THR A 70 10.94 9.90 17.87
C THR A 70 11.10 8.97 16.65
N SER A 71 10.38 9.28 15.57
CA SER A 71 10.46 8.46 14.35
C SER A 71 11.83 8.56 13.67
N LEU A 72 12.39 9.77 13.60
CA LEU A 72 13.77 9.93 13.10
C LEU A 72 14.82 9.24 13.98
N GLN A 73 14.68 9.38 15.30
CA GLN A 73 15.53 8.68 16.26
C GLN A 73 15.46 7.17 16.10
N TYR A 74 14.26 6.66 15.79
CA TYR A 74 14.09 5.22 15.59
C TYR A 74 15.05 4.73 14.52
N VAL A 75 15.12 5.45 13.41
CA VAL A 75 15.96 5.03 12.29
C VAL A 75 17.48 5.15 12.61
N VAL A 76 17.85 6.18 13.39
CA VAL A 76 19.21 6.27 13.94
C VAL A 76 19.56 5.02 14.76
N ASP A 77 18.67 4.64 15.67
CA ASP A 77 18.92 3.54 16.61
C ASP A 77 18.85 2.16 15.96
N ASN A 78 17.98 2.02 14.96
CA ASN A 78 17.56 0.71 14.47
C ASN A 78 17.66 0.52 12.97
N GLY A 79 17.76 1.62 12.23
CA GLY A 79 17.65 1.55 10.77
C GLY A 79 16.24 1.15 10.38
N VAL A 80 15.99 1.00 9.08
CA VAL A 80 14.67 0.63 8.60
C VAL A 80 14.73 -0.31 7.37
N HIS A 81 13.81 -1.28 7.34
CA HIS A 81 13.71 -2.23 6.24
C HIS A 81 13.06 -1.62 5.00
N THR A 82 13.16 -2.32 3.88
CA THR A 82 12.47 -1.91 2.67
C THR A 82 10.99 -2.14 2.83
N GLU A 83 10.20 -1.36 2.10
CA GLU A 83 8.76 -1.58 2.01
C GLU A 83 8.43 -2.99 1.47
N ARG A 84 9.24 -3.46 0.51
CA ARG A 84 9.07 -4.78 -0.09
C ARG A 84 9.11 -5.87 0.99
N GLU A 85 10.11 -5.80 1.87
CA GLU A 85 10.22 -6.79 2.97
C GLU A 85 9.19 -6.58 4.08
N TYR A 86 8.81 -5.33 4.33
CA TYR A 86 7.91 -4.98 5.43
C TYR A 86 6.80 -4.04 4.91
N PRO A 87 5.81 -4.60 4.19
CA PRO A 87 4.76 -3.83 3.52
C PRO A 87 3.69 -3.23 4.44
N TYR A 88 3.06 -2.17 3.96
CA TYR A 88 2.03 -1.46 4.71
C TYR A 88 0.78 -2.28 4.88
N GLU A 89 0.27 -2.29 6.12
CA GLU A 89 -0.91 -3.05 6.46
C GLU A 89 -2.05 -2.17 6.93
N LYS A 90 -1.84 -0.85 6.87
CA LYS A 90 -2.89 0.14 7.16
C LYS A 90 -3.39 0.13 8.61
N LYS A 91 -2.59 -0.48 9.48
CA LYS A 91 -2.91 -0.58 10.90
C LYS A 91 -1.69 -1.09 11.64
N GLN A 92 -1.57 -0.69 12.91
CA GLN A 92 -0.48 -1.15 13.76
C GLN A 92 -0.59 -2.65 14.05
N GLY A 93 0.55 -3.34 13.99
CA GLY A 93 0.65 -4.78 14.25
C GLY A 93 1.92 -5.06 15.05
N ARG A 94 2.20 -6.35 15.29
CA ARG A 94 3.39 -6.73 16.03
C ARG A 94 4.63 -6.22 15.33
N CYS A 95 5.56 -5.67 16.11
CA CYS A 95 6.85 -5.25 15.57
C CYS A 95 7.63 -6.48 15.12
N ARG A 96 7.81 -6.59 13.81
CA ARG A 96 8.43 -7.76 13.18
C ARG A 96 9.82 -7.45 12.64
N ALA A 97 10.36 -6.31 13.06
CA ALA A 97 11.67 -5.81 12.59
C ALA A 97 12.80 -6.84 12.78
N LYS A 98 12.81 -7.49 13.93
CA LYS A 98 13.83 -8.51 14.26
C LYS A 98 13.68 -9.80 13.43
N ASP A 99 12.45 -10.11 13.00
CA ASP A 99 12.16 -11.29 12.18
C ASP A 99 12.61 -11.11 10.74
N LYS A 100 12.70 -9.85 10.31
CA LYS A 100 13.14 -9.55 8.95
C LYS A 100 14.65 -9.49 8.88
N LYS A 101 15.24 -10.15 7.88
CA LYS A 101 16.69 -10.23 7.78
C LYS A 101 17.24 -9.55 6.50
N GLY A 102 16.35 -8.97 5.71
CA GLY A 102 16.73 -8.30 4.45
C GLY A 102 17.52 -7.00 4.63
N PRO A 103 17.61 -6.20 3.55
CA PRO A 103 18.44 -4.97 3.53
C PRO A 103 17.83 -3.86 4.37
N LYS A 104 18.68 -3.16 5.13
CA LYS A 104 18.23 -2.04 5.97
C LYS A 104 18.92 -0.75 5.60
N VAL A 105 18.33 0.38 6.03
CA VAL A 105 18.92 1.70 5.81
C VAL A 105 18.99 2.45 7.15
N TYR A 106 20.20 2.93 7.47
CA TYR A 106 20.46 3.62 8.72
C TYR A 106 20.74 5.08 8.46
N ILE A 107 20.52 5.90 9.49
CA ILE A 107 20.98 7.28 9.50
C ILE A 107 21.80 7.43 10.78
N THR A 108 22.56 8.52 10.88
CA THR A 108 23.43 8.71 12.04
C THR A 108 22.91 9.79 12.99
N GLY A 109 21.93 10.56 12.53
CA GLY A 109 21.31 11.59 13.36
C GLY A 109 20.30 12.40 12.57
N TYR A 110 19.89 13.51 13.16
CA TYR A 110 18.94 14.42 12.52
C TYR A 110 19.10 15.85 13.03
N LYS A 111 18.71 16.83 12.22
CA LYS A 111 18.79 18.24 12.62
C LYS A 111 17.45 18.91 12.56
N TYR A 112 17.20 19.80 13.51
CA TYR A 112 15.99 20.62 13.54
C TYR A 112 16.22 21.92 12.76
N VAL A 113 15.27 22.30 11.92
CA VAL A 113 15.34 23.57 11.21
C VAL A 113 14.75 24.67 12.12
N PRO A 114 15.51 25.79 12.34
CA PRO A 114 14.91 26.87 13.11
C PRO A 114 13.52 27.24 12.55
N ALA A 115 12.53 27.32 13.44
CA ALA A 115 11.13 27.42 13.01
C ALA A 115 10.72 28.82 12.60
N ASN A 116 9.68 28.88 11.77
CA ASN A 116 9.03 30.12 11.34
C ASN A 116 9.96 31.05 10.54
N ASP A 117 10.77 30.44 9.68
CA ASP A 117 11.76 31.19 8.90
C ASP A 117 11.95 30.62 7.52
N GLU A 118 11.45 31.35 6.53
CA GLU A 118 11.53 30.94 5.12
C GLU A 118 12.91 30.40 4.72
N ILE A 119 13.92 31.24 4.82
CA ILE A 119 15.25 30.92 4.27
C ILE A 119 15.94 29.75 4.99
N SER A 120 15.69 29.59 6.30
CA SER A 120 16.18 28.42 7.03
C SER A 120 15.64 27.13 6.45
N LEU A 121 14.36 27.13 6.07
CA LEU A 121 13.74 25.95 5.48
C LEU A 121 14.23 25.72 4.05
N ILE A 122 14.21 26.77 3.24
CA ILE A 122 14.71 26.73 1.86
C ILE A 122 16.16 26.21 1.79
N GLN A 123 17.01 26.73 2.67
CA GLN A 123 18.39 26.28 2.72
C GLN A 123 18.50 24.80 3.03
N ALA A 124 17.62 24.29 3.92
CA ALA A 124 17.64 22.87 4.27
C ALA A 124 17.23 21.98 3.10
N ILE A 125 16.20 22.40 2.36
CA ILE A 125 15.67 21.61 1.22
C ILE A 125 16.66 21.57 0.04
N ALA A 126 17.42 22.64 -0.11
CA ALA A 126 18.50 22.70 -1.09
C ALA A 126 19.46 21.50 -0.93
N ASN A 127 19.62 21.02 0.31
CA ASN A 127 20.55 19.94 0.61
C ASN A 127 19.93 18.54 0.60
N GLN A 128 18.66 18.44 1.00
CA GLN A 128 17.95 17.16 1.12
C GLN A 128 16.46 17.40 1.36
N PRO A 129 15.59 16.43 1.01
CA PRO A 129 14.17 16.48 1.41
C PRO A 129 14.01 16.64 2.94
N VAL A 130 12.99 17.39 3.35
CA VAL A 130 12.82 17.76 4.76
C VAL A 130 11.44 17.37 5.27
N SER A 131 11.35 16.90 6.51
CA SER A 131 10.05 16.60 7.13
C SER A 131 9.42 17.90 7.57
N VAL A 132 8.24 18.21 7.05
CA VAL A 132 7.56 19.45 7.43
C VAL A 132 6.12 19.17 7.81
N VAL A 133 5.45 20.15 8.41
CA VAL A 133 4.08 19.99 8.87
C VAL A 133 3.15 21.03 8.25
N THR A 134 1.86 20.69 8.16
CA THR A 134 0.87 21.62 7.61
C THR A 134 -0.46 21.52 8.34
N ASP A 135 -1.24 22.59 8.28
CA ASP A 135 -2.62 22.57 8.72
C ASP A 135 -3.44 22.08 7.54
N SER A 136 -3.98 20.88 7.65
CA SER A 136 -4.68 20.24 6.52
C SER A 136 -6.20 20.15 6.71
N ARG A 137 -6.72 20.80 7.75
CA ARG A 137 -8.15 20.69 8.15
C ARG A 137 -9.16 21.18 7.12
N GLY A 138 -8.73 22.04 6.20
CA GLY A 138 -9.69 22.76 5.34
C GLY A 138 -10.08 22.09 4.04
N ARG A 139 -11.24 22.50 3.52
CA ARG A 139 -11.75 22.03 2.23
C ARG A 139 -10.80 22.37 1.10
N GLY A 140 -10.25 23.58 1.14
CA GLY A 140 -9.31 24.03 0.11
C GLY A 140 -8.09 23.12 -0.01
N PHE A 141 -7.53 22.72 1.14
CA PHE A 141 -6.37 21.80 1.16
C PHE A 141 -6.77 20.38 0.80
N GLN A 142 -7.80 19.87 1.48
CA GLN A 142 -8.22 18.47 1.29
C GLN A 142 -8.68 18.17 -0.14
N PHE A 143 -9.28 19.18 -0.77
CA PHE A 143 -9.77 19.07 -2.15
C PHE A 143 -8.93 19.87 -3.14
N TYR A 144 -7.67 20.13 -2.76
CA TYR A 144 -6.69 20.78 -3.65
C TYR A 144 -6.57 20.01 -4.94
N LYS A 145 -6.57 20.74 -6.06
CA LYS A 145 -6.50 20.14 -7.39
C LYS A 145 -5.16 20.39 -8.08
N GLY A 146 -4.62 21.60 -7.92
CA GLY A 146 -3.37 21.96 -8.56
C GLY A 146 -3.07 23.44 -8.50
N GLY A 147 -1.84 23.80 -8.92
CA GLY A 147 -1.37 25.18 -8.86
C GLY A 147 -0.59 25.45 -7.59
N ILE A 148 -0.16 26.69 -7.43
CA ILE A 148 0.50 27.11 -6.19
C ILE A 148 -0.54 27.48 -5.16
N TYR A 149 -0.64 26.68 -4.09
CA TYR A 149 -1.62 26.91 -3.05
C TYR A 149 -1.23 28.05 -2.12
N GLU A 150 -2.02 29.12 -2.14
CA GLU A 150 -1.75 30.30 -1.31
C GLU A 150 -2.69 30.37 -0.12
N GLY A 151 -3.74 29.54 -0.16
CA GLY A 151 -4.77 29.54 0.85
C GLY A 151 -6.14 29.27 0.24
N PRO A 152 -7.20 29.23 1.06
CA PRO A 152 -7.17 29.45 2.51
C PRO A 152 -6.77 28.21 3.32
N CYS A 153 -6.13 28.46 4.46
CA CYS A 153 -5.76 27.41 5.43
C CYS A 153 -5.22 28.07 6.69
N GLY A 154 -5.53 27.46 7.83
CA GLY A 154 -5.00 27.91 9.11
C GLY A 154 -3.53 27.56 9.29
N THR A 155 -3.05 27.72 10.52
CA THR A 155 -1.66 27.42 10.88
C THR A 155 -1.61 26.46 12.07
N ASN A 156 -2.74 25.79 12.30
CA ASN A 156 -2.85 24.77 13.34
C ASN A 156 -2.52 23.40 12.73
N THR A 157 -1.23 23.10 12.70
CA THR A 157 -0.68 21.98 11.96
C THR A 157 -1.11 20.65 12.56
N ASP A 158 -1.42 19.69 11.69
CA ASP A 158 -1.94 18.42 12.13
C ASP A 158 -1.52 17.28 11.21
N HIS A 159 -0.66 17.58 10.24
CA HIS A 159 -0.32 16.63 9.20
C HIS A 159 1.15 16.80 8.82
N ALA A 160 1.91 15.70 8.92
CA ALA A 160 3.34 15.69 8.61
C ALA A 160 3.56 15.24 7.17
N VAL A 161 4.32 16.04 6.42
CA VAL A 161 4.52 15.81 5.00
C VAL A 161 6.01 15.95 4.68
N THR A 162 6.36 15.86 3.40
CA THR A 162 7.77 15.93 3.01
C THR A 162 7.98 17.02 1.99
N ALA A 163 8.85 17.97 2.34
CA ALA A 163 9.30 18.98 1.37
C ALA A 163 10.35 18.38 0.43
N VAL A 164 10.00 18.18 -0.83
CA VAL A 164 10.95 17.58 -1.79
C VAL A 164 11.53 18.58 -2.80
N GLY A 165 11.27 19.87 -2.57
CA GLY A 165 11.77 20.89 -3.47
C GLY A 165 11.13 22.25 -3.23
N TYR A 166 11.52 23.22 -4.04
CA TYR A 166 10.94 24.56 -4.00
C TYR A 166 11.18 25.27 -5.33
N GLY A 167 10.44 26.34 -5.55
CA GLY A 167 10.74 27.26 -6.63
C GLY A 167 10.86 28.64 -6.05
N LYS A 168 10.84 29.62 -6.93
CA LYS A 168 10.90 31.03 -6.53
C LYS A 168 9.81 31.38 -5.53
N THR A 169 8.60 30.86 -5.75
CA THR A 169 7.46 31.28 -4.94
C THR A 169 6.71 30.16 -4.21
N TYR A 170 7.27 28.95 -4.21
CA TYR A 170 6.54 27.79 -3.65
C TYR A 170 7.47 26.73 -3.08
N LEU A 171 6.89 25.87 -2.25
CA LEU A 171 7.56 24.68 -1.76
C LEU A 171 6.85 23.45 -2.34
N LEU A 172 7.63 22.53 -2.92
CA LEU A 172 7.08 21.29 -3.46
C LEU A 172 6.94 20.26 -2.35
N LEU A 173 5.72 19.76 -2.18
CA LEU A 173 5.42 18.85 -1.09
C LEU A 173 4.90 17.49 -1.59
N LYS A 174 5.55 16.42 -1.15
CA LYS A 174 5.05 15.06 -1.35
C LYS A 174 4.04 14.74 -0.26
N ASN A 175 2.79 14.51 -0.65
CA ASN A 175 1.78 14.09 0.31
C ASN A 175 1.69 12.56 0.31
N SER A 176 0.97 12.01 1.27
CA SER A 176 0.84 10.57 1.40
C SER A 176 -0.60 10.15 1.34
N TRP A 177 -1.36 10.75 0.43
CA TRP A 177 -2.76 10.39 0.23
C TRP A 177 -3.00 9.72 -1.13
N GLY A 178 -1.95 9.17 -1.72
CA GLY A 178 -2.05 8.51 -3.03
C GLY A 178 -1.88 9.45 -4.21
N PRO A 179 -1.62 8.88 -5.42
CA PRO A 179 -1.36 9.71 -6.61
C PRO A 179 -2.59 10.41 -7.18
N ASN A 180 -3.78 10.08 -6.71
CA ASN A 180 -5.00 10.73 -7.21
C ASN A 180 -5.31 12.07 -6.53
N TRP A 181 -4.55 12.41 -5.50
CA TRP A 181 -4.72 13.69 -4.81
C TRP A 181 -3.78 14.77 -5.39
N GLY A 182 -4.30 15.99 -5.52
CA GLY A 182 -3.48 17.13 -5.97
C GLY A 182 -2.82 16.94 -7.33
N GLU A 183 -1.53 17.25 -7.39
CA GLU A 183 -0.76 17.08 -8.63
C GLU A 183 -0.01 15.76 -8.59
N LYS A 184 -0.71 14.69 -8.95
CA LYS A 184 -0.19 13.33 -8.91
C LYS A 184 0.42 12.98 -7.53
N GLY A 185 -0.27 13.38 -6.47
CA GLY A 185 0.18 13.12 -5.10
C GLY A 185 0.88 14.31 -4.43
N TYR A 186 1.20 15.33 -5.22
CA TYR A 186 1.97 16.49 -4.71
C TYR A 186 1.14 17.78 -4.58
N ILE A 187 1.62 18.68 -3.73
CA ILE A 187 1.08 20.05 -3.63
C ILE A 187 2.22 21.04 -3.67
N ARG A 188 2.02 22.14 -4.40
CA ARG A 188 2.95 23.23 -4.40
C ARG A 188 2.33 24.29 -3.52
N ILE A 189 3.05 24.65 -2.47
CA ILE A 189 2.53 25.57 -1.46
C ILE A 189 3.35 26.88 -1.48
N LYS A 190 2.64 28.00 -1.49
CA LYS A 190 3.26 29.32 -1.53
C LYS A 190 4.38 29.45 -0.48
N ARG A 191 5.51 30.02 -0.90
CA ARG A 191 6.54 30.52 0.01
C ARG A 191 6.12 31.85 0.63
N ALA A 192 5.77 31.84 1.92
CA ALA A 192 5.62 33.09 2.66
C ALA A 192 7.02 33.69 2.89
N SER A 193 7.12 35.00 2.76
CA SER A 193 8.40 35.69 2.81
C SER A 193 8.89 35.86 4.24
N GLY A 194 10.12 35.44 4.49
CA GLY A 194 10.81 35.72 5.75
C GLY A 194 10.24 35.03 6.96
N ARG A 195 10.10 35.79 8.04
CA ARG A 195 9.62 35.29 9.33
C ARG A 195 8.12 35.14 9.29
N SER A 196 7.65 33.92 9.52
CA SER A 196 6.24 33.57 9.26
C SER A 196 6.04 32.15 9.69
N LYS A 197 4.83 31.81 10.11
CA LYS A 197 4.46 30.41 10.36
C LYS A 197 4.40 29.65 9.04
N GLY A 198 4.33 30.42 7.95
CA GLY A 198 4.28 29.90 6.59
C GLY A 198 2.86 29.66 6.15
N THR A 199 2.69 29.46 4.85
CA THR A 199 1.40 29.10 4.29
C THR A 199 0.98 27.75 4.86
N CYS A 200 -0.24 27.71 5.41
CA CYS A 200 -0.78 26.52 6.11
C CYS A 200 0.10 26.05 7.30
N GLY A 201 0.90 26.96 7.84
CA GLY A 201 1.81 26.64 8.94
C GLY A 201 3.01 25.81 8.54
N VAL A 202 3.33 25.79 7.23
CA VAL A 202 4.43 24.96 6.67
C VAL A 202 5.86 25.24 7.23
N TYR A 203 6.05 26.40 7.90
CA TYR A 203 7.35 26.72 8.56
C TYR A 203 7.40 26.31 10.04
N THR A 204 6.33 25.69 10.53
CA THR A 204 6.14 25.43 11.97
C THR A 204 7.13 24.46 12.60
N SER A 205 7.42 23.34 11.94
CA SER A 205 8.17 22.27 12.57
C SER A 205 8.83 21.37 11.56
N SER A 206 10.13 21.59 11.33
CA SER A 206 10.86 20.94 10.24
C SER A 206 12.13 20.24 10.73
N PHE A 207 12.34 19.02 10.26
CA PHE A 207 13.49 18.21 10.63
C PHE A 207 14.03 17.50 9.41
N PHE A 208 15.33 17.25 9.40
CA PHE A 208 15.93 16.43 8.35
C PHE A 208 16.95 15.45 8.90
N PRO A 209 17.06 14.25 8.29
CA PRO A 209 18.04 13.24 8.71
C PRO A 209 19.43 13.52 8.20
N ILE A 210 20.40 13.00 8.94
CA ILE A 210 21.81 13.09 8.60
C ILE A 210 22.34 11.66 8.42
N LYS A 211 23.03 11.43 7.30
CA LYS A 211 23.62 10.13 7.02
C LYS A 211 25.12 10.30 6.83
N GLY A 212 25.86 10.15 7.92
CA GLY A 212 27.31 10.33 7.92
C GLY A 212 28.04 9.06 8.35
N TYR B 1 -26.53 0.01 7.46
CA TYR B 1 -26.66 -0.10 5.98
C TYR B 1 -27.33 -1.43 5.61
N PRO B 2 -28.10 -1.47 4.52
CA PRO B 2 -28.74 -2.74 4.13
C PRO B 2 -27.72 -3.76 3.67
N GLU B 3 -28.07 -5.05 3.77
CA GLU B 3 -27.18 -6.13 3.34
C GLU B 3 -26.82 -6.01 1.86
N SER B 4 -27.78 -5.54 1.07
CA SER B 4 -27.54 -5.29 -0.34
C SER B 4 -28.38 -4.12 -0.83
N ILE B 5 -27.98 -3.56 -1.97
CA ILE B 5 -28.71 -2.50 -2.61
C ILE B 5 -28.40 -2.48 -4.10
N ASP B 6 -29.38 -2.05 -4.88
CA ASP B 6 -29.22 -1.96 -6.32
C ASP B 6 -30.01 -0.77 -6.77
N TRP B 7 -29.30 0.31 -7.09
CA TRP B 7 -29.96 1.57 -7.47
C TRP B 7 -30.70 1.48 -8.80
N ARG B 8 -30.38 0.46 -9.58
CA ARG B 8 -31.15 0.18 -10.80
C ARG B 8 -32.61 -0.13 -10.44
N GLU B 9 -32.79 -0.91 -9.36
CA GLU B 9 -34.12 -1.38 -8.91
C GLU B 9 -34.92 -0.26 -8.28
N LYS B 10 -34.24 0.82 -7.90
CA LYS B 10 -34.89 1.96 -7.33
C LYS B 10 -35.12 3.06 -8.40
N GLY B 11 -34.90 2.71 -9.66
CA GLY B 11 -35.12 3.63 -10.81
C GLY B 11 -34.12 4.77 -10.91
N ALA B 12 -32.95 4.60 -10.31
CA ALA B 12 -31.96 5.68 -10.23
C ALA B 12 -30.77 5.54 -11.19
N VAL B 13 -30.84 4.56 -12.09
CA VAL B 13 -29.78 4.29 -13.07
C VAL B 13 -30.32 4.28 -14.52
N THR B 14 -29.74 5.11 -15.39
CA THR B 14 -30.11 5.16 -16.80
C THR B 14 -29.49 3.97 -17.56
N PRO B 15 -29.90 3.75 -18.84
CA PRO B 15 -29.24 2.69 -19.62
C PRO B 15 -27.70 2.82 -19.70
N VAL B 16 -27.04 1.71 -20.02
CA VAL B 16 -25.61 1.68 -20.15
C VAL B 16 -25.16 2.45 -21.39
N LYS B 17 -24.15 3.30 -21.21
CA LYS B 17 -23.55 4.08 -22.30
C LYS B 17 -22.20 3.49 -22.75
N ASN B 18 -21.70 3.99 -23.88
CA ASN B 18 -20.45 3.54 -24.45
C ASN B 18 -19.61 4.77 -24.77
N GLN B 19 -18.47 4.89 -24.09
CA GLN B 19 -17.57 6.03 -24.24
C GLN B 19 -16.61 5.90 -25.43
N ASN B 20 -16.39 4.66 -25.87
CA ASN B 20 -15.30 4.37 -26.83
C ASN B 20 -15.45 5.15 -28.15
N PRO B 21 -14.32 5.53 -28.79
CA PRO B 21 -12.93 5.26 -28.41
C PRO B 21 -12.31 6.40 -27.60
N CYS B 22 -13.12 7.37 -27.21
CA CYS B 22 -12.66 8.53 -26.47
C CYS B 22 -12.52 8.18 -24.99
N GLY B 23 -11.31 8.39 -24.44
CA GLY B 23 -11.02 8.05 -23.05
C GLY B 23 -11.54 9.05 -22.04
N SER B 24 -12.88 9.15 -21.96
CA SER B 24 -13.50 10.17 -21.12
C SER B 24 -14.27 9.58 -19.94
N CYS B 25 -13.77 8.48 -19.38
CA CYS B 25 -14.47 7.73 -18.31
C CYS B 25 -14.80 8.57 -17.11
N TRP B 26 -13.89 9.50 -16.79
CA TRP B 26 -14.08 10.46 -15.73
C TRP B 26 -15.40 11.22 -15.86
N ALA B 27 -15.80 11.52 -17.10
CA ALA B 27 -17.02 12.28 -17.35
C ALA B 27 -18.25 11.38 -17.19
N PHE B 28 -18.13 10.14 -17.66
CA PHE B 28 -19.18 9.14 -17.53
C PHE B 28 -19.42 8.77 -16.06
N SER B 29 -18.35 8.66 -15.28
CA SER B 29 -18.46 8.33 -13.85
C SER B 29 -19.22 9.45 -13.11
N THR B 30 -18.80 10.69 -13.33
CA THR B 30 -19.46 11.82 -12.67
C THR B 30 -20.92 11.96 -13.09
N VAL B 31 -21.18 11.89 -14.41
CA VAL B 31 -22.55 12.05 -14.92
C VAL B 31 -23.51 11.03 -14.34
N ALA B 32 -23.11 9.75 -14.30
CA ALA B 32 -23.93 8.69 -13.71
C ALA B 32 -24.27 8.96 -12.24
N THR B 33 -23.36 9.57 -11.48
CA THR B 33 -23.69 9.94 -10.09
C THR B 33 -24.68 11.10 -10.05
N ILE B 34 -24.59 12.00 -11.03
CA ILE B 34 -25.54 13.13 -11.12
C ILE B 34 -26.95 12.64 -11.44
N GLU B 35 -27.07 11.77 -12.45
CA GLU B 35 -28.32 11.09 -12.80
C GLU B 35 -28.95 10.40 -11.59
N GLY B 36 -28.11 9.69 -10.82
CA GLY B 36 -28.55 8.98 -9.62
C GLY B 36 -29.10 9.88 -8.54
N ILE B 37 -28.33 10.88 -8.11
CA ILE B 37 -28.76 11.79 -7.04
C ILE B 37 -29.97 12.64 -7.44
N ASN B 38 -30.01 13.06 -8.72
CA ASN B 38 -31.16 13.82 -9.22
C ASN B 38 -32.45 13.03 -9.07
N LYS B 39 -32.38 11.73 -9.36
CA LYS B 39 -33.55 10.85 -9.23
C LYS B 39 -34.02 10.74 -7.77
N ILE B 40 -33.05 10.55 -6.88
CA ILE B 40 -33.31 10.39 -5.44
C ILE B 40 -33.98 11.62 -4.83
N ILE B 41 -33.52 12.80 -5.24
CA ILE B 41 -34.03 14.05 -4.70
C ILE B 41 -35.33 14.49 -5.40
N THR B 42 -35.33 14.48 -6.73
CA THR B 42 -36.44 15.08 -7.48
C THR B 42 -37.47 14.05 -7.95
N GLY B 43 -37.09 12.78 -7.94
CA GLY B 43 -37.96 11.71 -8.42
C GLY B 43 -37.85 11.45 -9.92
N GLN B 44 -37.05 12.25 -10.62
CA GLN B 44 -36.94 12.14 -12.09
C GLN B 44 -35.64 11.46 -12.52
N LEU B 45 -35.77 10.51 -13.45
CA LEU B 45 -34.61 9.89 -14.06
C LEU B 45 -34.37 10.48 -15.45
N ILE B 46 -33.18 11.03 -15.67
CA ILE B 46 -32.86 11.64 -16.95
C ILE B 46 -31.37 11.44 -17.33
N SER B 47 -31.14 10.97 -18.56
CA SER B 47 -29.80 10.84 -19.13
C SER B 47 -29.19 12.23 -19.32
N LEU B 48 -28.01 12.43 -18.74
CA LEU B 48 -27.33 13.73 -18.77
C LEU B 48 -26.07 13.70 -19.66
N SER B 49 -25.41 14.85 -19.80
CA SER B 49 -24.43 15.03 -20.86
C SER B 49 -22.99 14.86 -20.39
N GLU B 50 -22.37 13.76 -20.81
CA GLU B 50 -20.93 13.61 -20.68
C GLU B 50 -20.20 14.55 -21.63
N GLN B 51 -20.82 14.84 -22.79
CA GLN B 51 -20.17 15.70 -23.78
C GLN B 51 -19.95 17.13 -23.24
N GLU B 52 -20.89 17.63 -22.44
CA GLU B 52 -20.71 18.94 -21.81
C GLU B 52 -19.43 19.00 -20.98
N LEU B 53 -19.25 18.05 -20.07
CA LEU B 53 -18.02 17.99 -19.27
C LEU B 53 -16.78 17.83 -20.15
N LEU B 54 -16.90 17.01 -21.19
CA LEU B 54 -15.79 16.76 -22.12
C LEU B 54 -15.30 18.06 -22.77
N ASP B 55 -16.26 18.86 -23.28
CA ASP B 55 -15.99 20.11 -23.97
C ASP B 55 -15.68 21.28 -23.05
N CYS B 56 -16.25 21.24 -21.85
CA CYS B 56 -16.35 22.42 -20.98
C CYS B 56 -15.55 22.34 -19.68
N GLU B 57 -15.26 21.12 -19.22
CA GLU B 57 -14.48 20.94 -18.01
C GLU B 57 -13.04 20.67 -18.44
N ARG B 58 -12.23 21.74 -18.50
CA ARG B 58 -10.91 21.67 -19.12
C ARG B 58 -9.70 21.66 -18.14
N ARG B 59 -9.94 21.33 -16.87
CA ARG B 59 -8.82 20.94 -15.99
C ARG B 59 -8.52 19.48 -16.26
N SER B 60 -9.58 18.73 -16.58
CA SER B 60 -9.45 17.42 -17.17
C SER B 60 -8.94 17.54 -18.61
N HIS B 61 -8.51 16.41 -19.17
CA HIS B 61 -7.83 16.37 -20.46
C HIS B 61 -8.62 15.66 -21.57
N GLY B 62 -9.91 15.95 -21.65
CA GLY B 62 -10.77 15.40 -22.70
C GLY B 62 -10.78 13.88 -22.76
N CYS B 63 -10.43 13.37 -23.95
CA CYS B 63 -10.38 11.92 -24.24
C CYS B 63 -9.08 11.31 -23.76
N ASP B 64 -8.20 12.14 -23.20
CA ASP B 64 -6.94 11.65 -22.62
C ASP B 64 -7.06 11.44 -21.10
N GLY B 65 -8.29 11.53 -20.59
CA GLY B 65 -8.55 11.26 -19.18
C GLY B 65 -8.74 12.51 -18.33
N GLY B 66 -9.14 12.31 -17.09
CA GLY B 66 -9.50 13.41 -16.23
C GLY B 66 -9.74 13.01 -14.80
N TYR B 67 -10.46 13.89 -14.10
CA TYR B 67 -10.50 13.87 -12.63
C TYR B 67 -11.91 13.89 -12.10
N GLN B 68 -12.09 13.20 -10.97
CA GLN B 68 -13.36 13.15 -10.25
C GLN B 68 -13.71 14.51 -9.64
N THR B 69 -12.72 15.13 -9.00
CA THR B 69 -12.91 16.39 -8.26
C THR B 69 -13.36 17.54 -9.14
N THR B 70 -12.59 17.81 -10.20
CA THR B 70 -12.88 18.92 -11.10
C THR B 70 -14.20 18.71 -11.83
N SER B 71 -14.49 17.46 -12.21
CA SER B 71 -15.71 17.19 -13.01
C SER B 71 -16.97 17.34 -12.15
N LEU B 72 -16.91 16.88 -10.91
CA LEU B 72 -17.99 17.13 -9.95
C LEU B 72 -18.13 18.63 -9.66
N GLN B 73 -17.01 19.31 -9.45
CA GLN B 73 -17.03 20.77 -9.22
C GLN B 73 -17.73 21.49 -10.37
N TYR B 74 -17.45 21.04 -11.60
CA TYR B 74 -18.13 21.61 -12.76
C TYR B 74 -19.67 21.55 -12.65
N VAL B 75 -20.23 20.41 -12.23
CA VAL B 75 -21.70 20.29 -12.09
C VAL B 75 -22.25 21.23 -11.00
N VAL B 76 -21.51 21.33 -9.90
CA VAL B 76 -21.80 22.32 -8.85
C VAL B 76 -21.85 23.73 -9.45
N ASP B 77 -20.77 24.09 -10.16
CA ASP B 77 -20.61 25.44 -10.71
C ASP B 77 -21.61 25.76 -11.81
N ASN B 78 -21.85 24.79 -12.71
CA ASN B 78 -22.55 25.04 -13.96
C ASN B 78 -23.84 24.26 -14.18
N GLY B 79 -24.05 23.21 -13.38
CA GLY B 79 -25.10 22.25 -13.68
C GLY B 79 -24.72 21.47 -14.93
N VAL B 80 -25.61 20.60 -15.39
CA VAL B 80 -25.34 19.82 -16.59
C VAL B 80 -26.60 19.66 -17.45
N HIS B 81 -26.43 19.79 -18.76
CA HIS B 81 -27.50 19.58 -19.71
C HIS B 81 -27.86 18.10 -19.81
N THR B 82 -28.98 17.81 -20.47
CA THR B 82 -29.40 16.43 -20.75
C THR B 82 -28.62 15.91 -21.95
N GLU B 83 -28.57 14.60 -22.08
CA GLU B 83 -27.87 13.97 -23.20
C GLU B 83 -28.52 14.33 -24.53
N ARG B 84 -29.85 14.41 -24.50
CA ARG B 84 -30.62 14.74 -25.71
C ARG B 84 -30.28 16.13 -26.23
N GLU B 85 -30.07 17.08 -25.33
CA GLU B 85 -29.72 18.45 -25.69
C GLU B 85 -28.26 18.59 -26.10
N TYR B 86 -27.40 17.75 -25.54
CA TYR B 86 -25.96 17.83 -25.75
C TYR B 86 -25.39 16.38 -25.86
N PRO B 87 -25.60 15.72 -27.03
CA PRO B 87 -25.24 14.32 -27.28
C PRO B 87 -23.74 14.10 -27.42
N TYR B 88 -23.34 12.85 -27.23
CA TYR B 88 -21.94 12.47 -27.19
C TYR B 88 -21.35 12.47 -28.59
N GLU B 89 -20.16 13.04 -28.74
CA GLU B 89 -19.49 13.12 -30.05
C GLU B 89 -18.15 12.40 -30.11
N LYS B 90 -17.78 11.73 -29.01
CA LYS B 90 -16.55 10.91 -28.96
C LYS B 90 -15.27 11.74 -29.17
N LYS B 91 -15.36 13.06 -28.97
CA LYS B 91 -14.21 13.95 -29.06
C LYS B 91 -14.52 15.26 -28.39
N GLN B 92 -13.45 15.93 -27.94
CA GLN B 92 -13.59 17.25 -27.35
C GLN B 92 -13.81 18.25 -28.48
N GLY B 93 -14.71 19.19 -28.22
CA GLY B 93 -14.98 20.29 -29.15
C GLY B 93 -15.29 21.54 -28.36
N ARG B 94 -15.65 22.61 -29.07
CA ARG B 94 -15.99 23.87 -28.44
C ARG B 94 -17.07 23.69 -27.38
N CYS B 95 -16.95 24.41 -26.26
CA CYS B 95 -17.95 24.31 -25.21
C CYS B 95 -19.21 25.05 -25.64
N ARG B 96 -20.31 24.31 -25.74
CA ARG B 96 -21.56 24.85 -26.27
C ARG B 96 -22.65 24.93 -25.20
N ALA B 97 -22.25 24.74 -23.93
CA ALA B 97 -23.17 24.75 -22.80
C ALA B 97 -24.01 26.03 -22.73
N LYS B 98 -23.35 27.17 -22.90
CA LYS B 98 -24.05 28.47 -22.87
C LYS B 98 -24.97 28.68 -24.09
N ASP B 99 -24.66 28.02 -25.19
CA ASP B 99 -25.47 28.09 -26.42
C ASP B 99 -26.73 27.25 -26.33
N LYS B 100 -26.75 26.30 -25.42
CA LYS B 100 -27.92 25.43 -25.27
C LYS B 100 -28.94 26.01 -24.32
N LYS B 101 -30.13 26.25 -24.88
CA LYS B 101 -31.33 26.41 -24.10
C LYS B 101 -31.75 24.98 -23.75
N GLY B 102 -32.48 24.84 -22.66
CA GLY B 102 -32.86 23.54 -22.16
C GLY B 102 -32.61 23.47 -20.68
N PRO B 103 -33.31 22.55 -19.99
CA PRO B 103 -33.19 22.43 -18.53
C PRO B 103 -31.90 21.71 -18.11
N LYS B 104 -31.26 22.25 -17.08
CA LYS B 104 -30.03 21.71 -16.53
C LYS B 104 -30.32 21.05 -15.20
N VAL B 105 -29.45 20.10 -14.83
CA VAL B 105 -29.51 19.48 -13.52
C VAL B 105 -28.35 20.02 -12.69
N TYR B 106 -28.67 20.56 -11.52
CA TYR B 106 -27.68 21.14 -10.61
C TYR B 106 -27.45 20.26 -9.39
N ILE B 107 -26.24 20.31 -8.87
CA ILE B 107 -25.93 19.79 -7.55
C ILE B 107 -25.33 20.93 -6.70
N THR B 108 -25.37 20.77 -5.38
CA THR B 108 -24.94 21.84 -4.45
C THR B 108 -23.52 21.65 -3.94
N GLY B 109 -23.05 20.40 -3.98
CA GLY B 109 -21.69 20.07 -3.53
C GLY B 109 -21.36 18.61 -3.81
N TYR B 110 -20.21 18.17 -3.33
CA TYR B 110 -19.82 16.79 -3.42
C TYR B 110 -18.94 16.43 -2.24
N LYS B 111 -18.92 15.14 -1.90
CA LYS B 111 -18.17 14.65 -0.75
C LYS B 111 -17.19 13.57 -1.13
N TYR B 112 -16.21 13.39 -0.28
CA TYR B 112 -15.17 12.41 -0.44
C TYR B 112 -15.49 11.25 0.49
N VAL B 113 -15.46 10.02 -0.03
CA VAL B 113 -15.56 8.85 0.84
C VAL B 113 -14.16 8.65 1.42
N PRO B 114 -14.03 8.44 2.76
CA PRO B 114 -12.73 8.07 3.33
C PRO B 114 -12.15 6.85 2.61
N ALA B 115 -10.92 6.99 2.12
CA ALA B 115 -10.32 6.03 1.18
C ALA B 115 -9.81 4.78 1.87
N ASN B 116 -9.63 3.71 1.08
CA ASN B 116 -9.08 2.43 1.53
C ASN B 116 -9.82 1.81 2.70
N ASP B 117 -11.15 1.93 2.69
CA ASP B 117 -11.96 1.38 3.75
C ASP B 117 -13.28 0.83 3.22
N GLU B 118 -13.43 -0.49 3.37
CA GLU B 118 -14.62 -1.19 2.89
C GLU B 118 -15.91 -0.56 3.34
N ILE B 119 -16.08 -0.41 4.65
CA ILE B 119 -17.38 -0.04 5.21
C ILE B 119 -17.71 1.38 4.86
N SER B 120 -16.71 2.25 4.83
CA SER B 120 -16.90 3.63 4.36
C SER B 120 -17.55 3.70 2.98
N LEU B 121 -17.08 2.87 2.03
CA LEU B 121 -17.64 2.86 0.67
C LEU B 121 -19.04 2.26 0.64
N ILE B 122 -19.20 1.14 1.34
CA ILE B 122 -20.50 0.48 1.45
C ILE B 122 -21.58 1.44 1.93
N GLN B 123 -21.30 2.14 3.02
CA GLN B 123 -22.22 3.09 3.62
C GLN B 123 -22.53 4.26 2.67
N ALA B 124 -21.51 4.73 1.92
CA ALA B 124 -21.74 5.77 0.90
C ALA B 124 -22.71 5.31 -0.20
N ILE B 125 -22.46 4.10 -0.73
CA ILE B 125 -23.32 3.48 -1.78
C ILE B 125 -24.77 3.22 -1.30
N ALA B 126 -24.96 3.07 0.01
CA ALA B 126 -26.31 2.88 0.56
C ALA B 126 -27.19 4.11 0.32
N ASN B 127 -26.56 5.29 0.29
CA ASN B 127 -27.28 6.53 0.11
C ASN B 127 -27.45 6.98 -1.33
N GLN B 128 -26.48 6.62 -2.18
CA GLN B 128 -26.46 7.05 -3.61
C GLN B 128 -25.37 6.33 -4.45
N PRO B 129 -25.52 6.30 -5.81
CA PRO B 129 -24.38 5.89 -6.64
C PRO B 129 -23.12 6.75 -6.37
N VAL B 130 -21.97 6.09 -6.37
CA VAL B 130 -20.70 6.71 -5.98
C VAL B 130 -19.73 6.57 -7.15
N SER B 131 -18.97 7.64 -7.41
CA SER B 131 -17.87 7.58 -8.38
C SER B 131 -16.70 6.84 -7.76
N VAL B 132 -16.31 5.72 -8.35
CA VAL B 132 -15.15 4.93 -7.88
C VAL B 132 -14.17 4.69 -9.03
N VAL B 133 -12.99 4.17 -8.70
CA VAL B 133 -11.93 3.94 -9.69
C VAL B 133 -11.45 2.48 -9.69
N THR B 134 -10.94 1.99 -10.83
CA THR B 134 -10.38 0.64 -10.90
C THR B 134 -9.15 0.60 -11.74
N ASP B 135 -8.34 -0.42 -11.49
CA ASP B 135 -7.27 -0.81 -12.40
C ASP B 135 -7.86 -1.74 -13.47
N SER B 136 -8.11 -1.19 -14.65
CA SER B 136 -8.83 -1.93 -15.73
C SER B 136 -7.91 -2.65 -16.73
N ARG B 137 -6.63 -2.78 -16.41
CA ARG B 137 -5.61 -3.18 -17.38
C ARG B 137 -5.70 -4.59 -17.99
N GLY B 138 -5.93 -5.61 -17.16
CA GLY B 138 -5.88 -6.99 -17.65
C GLY B 138 -6.93 -7.40 -18.67
N ARG B 139 -6.66 -8.50 -19.40
CA ARG B 139 -7.66 -9.17 -20.24
C ARG B 139 -8.82 -9.70 -19.39
N GLY B 140 -8.51 -10.04 -18.14
CA GLY B 140 -9.54 -10.43 -17.18
C GLY B 140 -10.62 -9.35 -17.04
N PHE B 141 -10.19 -8.09 -16.90
CA PHE B 141 -11.13 -6.98 -16.84
C PHE B 141 -11.65 -6.59 -18.22
N GLN B 142 -10.74 -6.42 -19.19
CA GLN B 142 -11.09 -5.99 -20.55
C GLN B 142 -12.16 -6.87 -21.22
N PHE B 143 -12.07 -8.18 -21.03
CA PHE B 143 -13.00 -9.11 -21.67
C PHE B 143 -13.85 -9.87 -20.68
N TYR B 144 -14.09 -9.24 -19.54
CA TYR B 144 -14.93 -9.78 -18.49
C TYR B 144 -16.32 -10.05 -19.04
N LYS B 145 -16.85 -11.23 -18.74
CA LYS B 145 -18.19 -11.59 -19.22
C LYS B 145 -19.18 -12.02 -18.12
N GLY B 146 -18.75 -12.00 -16.87
CA GLY B 146 -19.66 -12.33 -15.77
C GLY B 146 -19.01 -12.82 -14.51
N GLY B 147 -19.79 -12.78 -13.42
CA GLY B 147 -19.34 -13.27 -12.13
C GLY B 147 -18.75 -12.19 -11.24
N ILE B 148 -18.56 -12.55 -9.98
CA ILE B 148 -17.93 -11.67 -9.00
C ILE B 148 -16.43 -11.70 -9.27
N TYR B 149 -15.93 -10.60 -9.86
CA TYR B 149 -14.55 -10.51 -10.30
C TYR B 149 -13.54 -10.31 -9.15
N GLU B 150 -12.64 -11.27 -9.01
CA GLU B 150 -11.62 -11.24 -7.95
C GLU B 150 -10.28 -10.79 -8.48
N GLY B 151 -10.07 -11.00 -9.77
CA GLY B 151 -8.78 -10.75 -10.38
C GLY B 151 -8.60 -11.67 -11.57
N PRO B 152 -7.41 -11.64 -12.20
CA PRO B 152 -6.26 -10.84 -11.77
C PRO B 152 -6.38 -9.37 -12.15
N CYS B 153 -5.86 -8.49 -11.30
CA CYS B 153 -5.80 -7.04 -11.53
C CYS B 153 -4.91 -6.41 -10.47
N GLY B 154 -4.14 -5.42 -10.87
CA GLY B 154 -3.29 -4.65 -9.95
C GLY B 154 -4.10 -3.55 -9.30
N THR B 155 -3.42 -2.62 -8.64
CA THR B 155 -4.12 -1.50 -7.98
C THR B 155 -3.69 -0.13 -8.51
N ASN B 156 -3.05 -0.12 -9.66
CA ASN B 156 -2.72 1.14 -10.32
C ASN B 156 -3.92 1.62 -11.14
N THR B 157 -4.87 2.25 -10.45
CA THR B 157 -6.18 2.56 -11.04
C THR B 157 -6.02 3.45 -12.28
N ASP B 158 -6.78 3.16 -13.33
CA ASP B 158 -6.69 3.95 -14.55
C ASP B 158 -8.05 4.29 -15.17
N HIS B 159 -9.12 3.93 -14.46
CA HIS B 159 -10.46 3.96 -15.03
C HIS B 159 -11.49 4.37 -13.99
N ALA B 160 -12.31 5.36 -14.33
CA ALA B 160 -13.37 5.85 -13.45
C ALA B 160 -14.71 5.27 -13.86
N VAL B 161 -15.39 4.69 -12.88
CA VAL B 161 -16.64 3.97 -13.07
C VAL B 161 -17.63 4.39 -11.98
N THR B 162 -18.82 3.79 -11.95
CA THR B 162 -19.86 4.16 -10.98
C THR B 162 -20.34 2.94 -10.22
N ALA B 163 -20.19 2.97 -8.89
CA ALA B 163 -20.78 1.96 -8.02
C ALA B 163 -22.26 2.26 -7.86
N VAL B 164 -23.12 1.40 -8.39
CA VAL B 164 -24.57 1.62 -8.32
C VAL B 164 -25.24 0.64 -7.33
N GLY B 165 -24.43 -0.09 -6.58
CA GLY B 165 -24.96 -1.06 -5.62
C GLY B 165 -23.89 -1.95 -5.05
N TYR B 166 -24.31 -2.89 -4.20
CA TYR B 166 -23.42 -3.85 -3.59
C TYR B 166 -24.23 -5.04 -3.09
N GLY B 167 -23.55 -6.15 -2.85
CA GLY B 167 -24.13 -7.29 -2.14
C GLY B 167 -23.20 -7.65 -1.01
N LYS B 168 -23.47 -8.78 -0.34
CA LYS B 168 -22.63 -9.26 0.76
C LYS B 168 -21.15 -9.38 0.36
N THR B 169 -20.90 -9.82 -0.88
CA THR B 169 -19.55 -10.16 -1.30
C THR B 169 -19.04 -9.33 -2.50
N TYR B 170 -19.79 -8.31 -2.92
CA TYR B 170 -19.38 -7.57 -4.12
C TYR B 170 -19.84 -6.13 -4.12
N LEU B 171 -19.25 -5.36 -5.04
CA LEU B 171 -19.67 -4.03 -5.38
C LEU B 171 -20.18 -4.09 -6.82
N LEU B 172 -21.35 -3.52 -7.05
CA LEU B 172 -21.99 -3.53 -8.37
C LEU B 172 -21.62 -2.24 -9.12
N LEU B 173 -21.01 -2.41 -10.29
CA LEU B 173 -20.46 -1.28 -11.00
C LEU B 173 -21.06 -1.13 -12.40
N LYS B 174 -21.48 0.10 -12.72
CA LYS B 174 -21.82 0.48 -14.07
C LYS B 174 -20.56 0.93 -14.81
N ASN B 175 -20.15 0.14 -15.80
CA ASN B 175 -19.07 0.55 -16.68
C ASN B 175 -19.64 1.33 -17.88
N SER B 176 -18.77 2.01 -18.63
CA SER B 176 -19.15 2.83 -19.76
C SER B 176 -18.62 2.27 -21.09
N TRP B 177 -18.69 0.95 -21.24
CA TRP B 177 -18.22 0.33 -22.48
C TRP B 177 -19.33 -0.31 -23.34
N GLY B 178 -20.59 0.06 -23.08
CA GLY B 178 -21.72 -0.53 -23.78
C GLY B 178 -22.30 -1.73 -23.05
N PRO B 179 -23.58 -2.06 -23.35
CA PRO B 179 -24.25 -3.19 -22.70
C PRO B 179 -23.75 -4.57 -23.16
N ASN B 180 -22.87 -4.59 -24.16
CA ASN B 180 -22.33 -5.85 -24.67
C ASN B 180 -21.21 -6.40 -23.78
N TRP B 181 -20.60 -5.53 -22.99
CA TRP B 181 -19.49 -5.93 -22.10
C TRP B 181 -20.05 -6.39 -20.76
N GLY B 182 -19.41 -7.39 -20.16
CA GLY B 182 -19.75 -7.87 -18.82
C GLY B 182 -21.17 -8.35 -18.65
N GLU B 183 -21.79 -7.95 -17.54
CA GLU B 183 -23.16 -8.33 -17.23
C GLU B 183 -24.13 -7.23 -17.63
N LYS B 184 -24.50 -7.24 -18.92
CA LYS B 184 -25.31 -6.19 -19.53
C LYS B 184 -24.68 -4.80 -19.30
N GLY B 185 -23.35 -4.76 -19.28
CA GLY B 185 -22.58 -3.52 -19.15
C GLY B 185 -22.04 -3.26 -17.76
N TYR B 186 -22.40 -4.14 -16.84
CA TYR B 186 -22.02 -4.05 -15.42
C TYR B 186 -20.99 -5.11 -15.06
N ILE B 187 -20.32 -4.88 -13.93
CA ILE B 187 -19.38 -5.83 -13.36
C ILE B 187 -19.61 -5.89 -11.86
N ARG B 188 -19.60 -7.09 -11.31
CA ARG B 188 -19.62 -7.26 -9.89
C ARG B 188 -18.18 -7.56 -9.47
N ILE B 189 -17.66 -6.72 -8.61
CA ILE B 189 -16.27 -6.81 -8.19
C ILE B 189 -16.24 -7.15 -6.71
N LYS B 190 -15.45 -8.15 -6.35
CA LYS B 190 -15.46 -8.65 -4.98
C LYS B 190 -15.08 -7.58 -3.92
N ARG B 191 -15.78 -7.63 -2.78
CA ARG B 191 -15.50 -6.78 -1.60
C ARG B 191 -14.35 -7.35 -0.80
N ALA B 192 -13.21 -6.67 -0.83
CA ALA B 192 -12.15 -6.98 0.13
C ALA B 192 -12.56 -6.46 1.51
N SER B 193 -12.22 -7.19 2.55
CA SER B 193 -12.64 -6.87 3.92
C SER B 193 -11.81 -5.76 4.54
N GLY B 194 -12.49 -4.83 5.20
CA GLY B 194 -11.84 -3.84 6.06
C GLY B 194 -10.95 -2.86 5.30
N ARG B 195 -9.76 -2.65 5.85
CA ARG B 195 -8.82 -1.66 5.33
C ARG B 195 -7.98 -2.27 4.22
N SER B 196 -8.06 -1.66 3.05
CA SER B 196 -7.59 -2.28 1.81
C SER B 196 -7.76 -1.29 0.68
N LYS B 197 -6.93 -1.43 -0.35
CA LYS B 197 -7.08 -0.66 -1.58
C LYS B 197 -8.33 -1.09 -2.35
N GLY B 198 -8.85 -2.28 -2.01
CA GLY B 198 -9.99 -2.86 -2.71
C GLY B 198 -9.52 -3.73 -3.86
N THR B 199 -10.42 -4.53 -4.38
CA THR B 199 -10.09 -5.39 -5.53
C THR B 199 -9.93 -4.46 -6.72
N CYS B 200 -8.83 -4.65 -7.44
CA CYS B 200 -8.46 -3.81 -8.59
C CYS B 200 -8.30 -2.34 -8.21
N GLY B 201 -8.06 -2.08 -6.92
CA GLY B 201 -7.92 -0.69 -6.41
C GLY B 201 -9.23 0.06 -6.24
N VAL B 202 -10.32 -0.67 -6.09
CA VAL B 202 -11.66 -0.06 -6.07
C VAL B 202 -12.00 0.82 -4.80
N TYR B 203 -11.19 0.72 -3.73
CA TYR B 203 -11.44 1.59 -2.52
C TYR B 203 -10.59 2.88 -2.51
N THR B 204 -9.71 3.02 -3.50
CA THR B 204 -8.66 4.08 -3.48
C THR B 204 -9.13 5.55 -3.69
N SER B 205 -10.16 5.78 -4.47
CA SER B 205 -10.59 7.16 -4.75
C SER B 205 -12.08 7.25 -5.12
N SER B 206 -12.91 7.54 -4.11
CA SER B 206 -14.37 7.55 -4.26
C SER B 206 -14.97 8.89 -3.83
N PHE B 207 -15.89 9.39 -4.64
CA PHE B 207 -16.53 10.66 -4.40
C PHE B 207 -17.99 10.51 -4.75
N PHE B 208 -18.84 11.38 -4.19
CA PHE B 208 -20.24 11.41 -4.60
C PHE B 208 -20.83 12.82 -4.45
N PRO B 209 -21.83 13.15 -5.28
CA PRO B 209 -22.44 14.47 -5.23
C PRO B 209 -23.43 14.63 -4.10
N ILE B 210 -23.59 15.87 -3.67
CA ILE B 210 -24.60 16.29 -2.74
C ILE B 210 -25.59 17.18 -3.49
N LYS B 211 -26.87 16.95 -3.27
CA LYS B 211 -27.90 17.78 -3.84
C LYS B 211 -28.83 18.21 -2.70
N GLY B 212 -28.45 19.30 -2.05
CA GLY B 212 -29.26 19.89 -0.97
C GLY B 212 -30.48 20.58 -1.55
N TYR C 1 8.49 -13.78 -9.05
CA TYR C 1 9.87 -14.34 -9.12
C TYR C 1 10.24 -15.08 -7.82
N PRO C 2 11.01 -16.19 -7.93
CA PRO C 2 11.51 -16.88 -6.74
C PRO C 2 12.59 -16.09 -6.00
N GLU C 3 12.83 -16.45 -4.74
CA GLU C 3 13.85 -15.81 -3.90
C GLU C 3 15.25 -15.92 -4.51
N SER C 4 15.52 -17.07 -5.13
CA SER C 4 16.76 -17.28 -5.83
C SER C 4 16.54 -18.11 -7.11
N ILE C 5 17.51 -18.04 -8.02
CA ILE C 5 17.48 -18.85 -9.24
C ILE C 5 18.91 -19.09 -9.73
N ASP C 6 19.15 -20.26 -10.31
CA ASP C 6 20.46 -20.58 -10.86
C ASP C 6 20.25 -21.38 -12.14
N TRP C 7 20.31 -20.68 -13.27
CA TRP C 7 20.10 -21.33 -14.57
C TRP C 7 21.12 -22.42 -14.93
N ARG C 8 22.28 -22.45 -14.25
CA ARG C 8 23.23 -23.55 -14.41
C ARG C 8 22.63 -24.86 -13.91
N GLU C 9 22.05 -24.84 -12.70
CA GLU C 9 21.44 -26.05 -12.14
C GLU C 9 20.12 -26.42 -12.83
N LYS C 10 19.43 -25.42 -13.38
CA LYS C 10 18.21 -25.67 -14.20
C LYS C 10 18.57 -26.14 -15.62
N GLY C 11 19.86 -26.25 -15.90
CA GLY C 11 20.36 -26.90 -17.14
C GLY C 11 20.46 -26.02 -18.38
N ALA C 12 20.40 -24.70 -18.21
CA ALA C 12 20.38 -23.78 -19.36
C ALA C 12 21.67 -22.96 -19.54
N VAL C 13 22.77 -23.43 -18.96
CA VAL C 13 24.05 -22.72 -19.10
C VAL C 13 25.15 -23.71 -19.49
N THR C 14 25.91 -23.35 -20.52
CA THR C 14 27.01 -24.19 -20.99
C THR C 14 28.24 -24.00 -20.09
N PRO C 15 29.25 -24.92 -20.19
CA PRO C 15 30.51 -24.68 -19.48
C PRO C 15 31.11 -23.30 -19.79
N VAL C 16 31.99 -22.84 -18.90
CA VAL C 16 32.59 -21.51 -18.98
C VAL C 16 33.63 -21.41 -20.10
N LYS C 17 33.58 -20.30 -20.86
CA LYS C 17 34.49 -20.08 -21.98
C LYS C 17 35.55 -19.02 -21.68
N ASN C 18 36.62 -19.02 -22.47
CA ASN C 18 37.68 -18.01 -22.36
C ASN C 18 37.86 -17.23 -23.67
N GLN C 19 37.61 -15.92 -23.61
CA GLN C 19 37.74 -15.05 -24.76
C GLN C 19 39.20 -14.65 -25.05
N ASN C 20 40.06 -14.80 -24.04
CA ASN C 20 41.40 -14.18 -24.06
C ASN C 20 42.30 -14.69 -25.20
N PRO C 21 43.15 -13.79 -25.77
CA PRO C 21 43.33 -12.35 -25.41
C PRO C 21 42.38 -11.35 -26.11
N CYS C 22 41.43 -11.88 -26.86
CA CYS C 22 40.58 -11.06 -27.73
C CYS C 22 39.45 -10.40 -26.93
N GLY C 23 39.33 -9.07 -27.06
CA GLY C 23 38.31 -8.30 -26.33
C GLY C 23 36.92 -8.40 -26.93
N SER C 24 36.42 -9.62 -27.07
CA SER C 24 35.11 -9.86 -27.69
C SER C 24 34.01 -10.21 -26.68
N CYS C 25 34.01 -9.60 -25.51
CA CYS C 25 33.02 -9.97 -24.45
C CYS C 25 31.56 -9.82 -24.91
N TRP C 26 31.32 -8.80 -25.74
CA TRP C 26 29.98 -8.54 -26.32
C TRP C 26 29.38 -9.79 -27.01
N ALA C 27 30.24 -10.53 -27.70
CA ALA C 27 29.83 -11.73 -28.42
C ALA C 27 29.59 -12.87 -27.44
N PHE C 28 30.41 -12.93 -26.40
CA PHE C 28 30.24 -13.92 -25.34
C PHE C 28 28.96 -13.74 -24.54
N SER C 29 28.67 -12.50 -24.18
CA SER C 29 27.45 -12.13 -23.47
C SER C 29 26.20 -12.49 -24.26
N THR C 30 26.14 -12.04 -25.51
CA THR C 30 25.02 -12.36 -26.42
C THR C 30 24.86 -13.89 -26.64
N VAL C 31 25.94 -14.58 -26.98
CA VAL C 31 25.86 -16.03 -27.23
C VAL C 31 25.36 -16.80 -25.99
N ALA C 32 25.82 -16.43 -24.80
CA ALA C 32 25.37 -17.11 -23.59
C ALA C 32 23.87 -16.94 -23.38
N THR C 33 23.35 -15.75 -23.65
CA THR C 33 21.89 -15.54 -23.57
C THR C 33 21.13 -16.38 -24.61
N ILE C 34 21.68 -16.50 -25.82
CA ILE C 34 21.05 -17.33 -26.85
C ILE C 34 21.07 -18.81 -26.42
N GLU C 35 22.19 -19.26 -25.88
CA GLU C 35 22.32 -20.64 -25.37
C GLU C 35 21.25 -20.92 -24.32
N GLY C 36 20.96 -19.91 -23.50
CA GLY C 36 20.00 -20.02 -22.41
C GLY C 36 18.55 -20.12 -22.86
N ILE C 37 18.15 -19.18 -23.73
CA ILE C 37 16.79 -19.16 -24.27
C ILE C 37 16.50 -20.37 -25.19
N ASN C 38 17.52 -20.83 -25.91
CA ASN C 38 17.38 -22.03 -26.73
C ASN C 38 17.05 -23.28 -25.88
N LYS C 39 17.66 -23.40 -24.70
CA LYS C 39 17.34 -24.49 -23.77
C LYS C 39 15.93 -24.34 -23.20
N ILE C 40 15.65 -23.15 -22.66
CA ILE C 40 14.34 -22.85 -22.05
C ILE C 40 13.20 -23.10 -23.04
N ILE C 41 13.34 -22.65 -24.28
CA ILE C 41 12.30 -22.83 -25.30
C ILE C 41 12.29 -24.23 -25.98
N THR C 42 13.44 -24.74 -26.38
CA THR C 42 13.46 -25.97 -27.18
C THR C 42 13.84 -27.24 -26.44
N GLY C 43 14.53 -27.09 -25.31
CA GLY C 43 15.07 -28.24 -24.60
C GLY C 43 16.52 -28.60 -24.96
N GLN C 44 17.05 -27.95 -25.99
CA GLN C 44 18.42 -28.17 -26.45
C GLN C 44 19.41 -27.24 -25.73
N LEU C 45 20.33 -27.83 -24.97
CA LEU C 45 21.50 -27.11 -24.49
C LEU C 45 22.72 -27.42 -25.36
N ILE C 46 23.22 -26.40 -26.06
CA ILE C 46 24.38 -26.57 -26.92
C ILE C 46 25.27 -25.31 -26.89
N SER C 47 26.60 -25.50 -26.98
CA SER C 47 27.53 -24.37 -27.05
C SER C 47 27.54 -23.76 -28.47
N LEU C 48 27.25 -22.46 -28.53
CA LEU C 48 27.13 -21.75 -29.81
C LEU C 48 28.38 -20.91 -30.13
N SER C 49 28.40 -20.27 -31.31
CA SER C 49 29.63 -19.68 -31.85
C SER C 49 29.77 -18.18 -31.65
N GLU C 50 30.69 -17.81 -30.77
CA GLU C 50 31.11 -16.42 -30.62
C GLU C 50 31.90 -15.98 -31.83
N GLN C 51 32.67 -16.91 -32.41
CA GLN C 51 33.49 -16.64 -33.60
C GLN C 51 32.65 -16.16 -34.80
N GLU C 52 31.42 -16.66 -34.93
CA GLU C 52 30.55 -16.21 -36.02
C GLU C 52 30.23 -14.72 -35.88
N LEU C 53 29.73 -14.33 -34.71
CA LEU C 53 29.47 -12.91 -34.40
C LEU C 53 30.74 -12.07 -34.56
N LEU C 54 31.86 -12.58 -34.03
CA LEU C 54 33.14 -11.87 -34.12
C LEU C 54 33.52 -11.60 -35.60
N ASP C 55 33.35 -12.61 -36.46
CA ASP C 55 33.71 -12.51 -37.89
C ASP C 55 32.68 -11.79 -38.76
N CYS C 56 31.41 -11.88 -38.37
CA CYS C 56 30.29 -11.54 -39.25
C CYS C 56 29.48 -10.35 -38.79
N GLU C 57 29.56 -10.03 -37.51
CA GLU C 57 28.83 -8.87 -36.99
C GLU C 57 29.80 -7.69 -36.84
N ARG C 58 29.83 -6.83 -37.85
CA ARG C 58 30.88 -5.80 -37.98
C ARG C 58 30.45 -4.34 -37.81
N ARG C 59 29.30 -4.13 -37.18
CA ARG C 59 29.05 -2.83 -36.56
C ARG C 59 29.83 -2.83 -35.23
N SER C 60 29.91 -4.00 -34.60
CA SER C 60 30.88 -4.20 -33.51
C SER C 60 32.29 -4.20 -34.06
N HIS C 61 33.28 -4.02 -33.18
CA HIS C 61 34.66 -3.81 -33.59
C HIS C 61 35.53 -4.98 -33.23
N GLY C 62 34.97 -6.19 -33.36
CA GLY C 62 35.72 -7.42 -33.18
C GLY C 62 36.36 -7.53 -31.83
N CYS C 63 37.68 -7.72 -31.82
CA CYS C 63 38.42 -7.90 -30.58
C CYS C 63 38.67 -6.58 -29.87
N ASP C 64 38.24 -5.49 -30.51
CA ASP C 64 38.31 -4.16 -29.91
C ASP C 64 36.97 -3.72 -29.31
N GLY C 65 36.02 -4.65 -29.20
CA GLY C 65 34.77 -4.40 -28.47
C GLY C 65 33.54 -4.21 -29.32
N GLY C 66 32.39 -4.18 -28.67
CA GLY C 66 31.15 -4.13 -29.41
C GLY C 66 29.94 -3.89 -28.57
N TYR C 67 28.79 -4.28 -29.11
CA TYR C 67 27.49 -3.81 -28.66
C TYR C 67 26.52 -4.94 -28.44
N GLN C 68 25.67 -4.76 -27.44
CA GLN C 68 24.63 -5.73 -27.10
C GLN C 68 23.58 -5.81 -28.20
N THR C 69 23.09 -4.66 -28.64
CA THR C 69 21.94 -4.56 -29.56
C THR C 69 22.26 -5.05 -30.95
N THR C 70 23.40 -4.67 -31.49
CA THR C 70 23.79 -5.11 -32.84
C THR C 70 24.06 -6.61 -32.89
N SER C 71 24.60 -7.17 -31.80
CA SER C 71 24.96 -8.61 -31.79
C SER C 71 23.74 -9.49 -31.57
N LEU C 72 22.78 -9.03 -30.76
CA LEU C 72 21.49 -9.75 -30.65
C LEU C 72 20.69 -9.69 -31.96
N GLN C 73 20.64 -8.51 -32.58
CA GLN C 73 19.99 -8.32 -33.89
C GLN C 73 20.58 -9.24 -34.95
N TYR C 74 21.90 -9.45 -34.90
CA TYR C 74 22.56 -10.43 -35.77
C TYR C 74 21.98 -11.84 -35.66
N VAL C 75 21.70 -12.31 -34.44
CA VAL C 75 21.11 -13.65 -34.26
C VAL C 75 19.63 -13.69 -34.74
N VAL C 76 18.91 -12.59 -34.57
CA VAL C 76 17.55 -12.46 -35.14
C VAL C 76 17.60 -12.58 -36.66
N ASP C 77 18.56 -11.89 -37.28
CA ASP C 77 18.68 -11.83 -38.74
C ASP C 77 19.28 -13.09 -39.37
N ASN C 78 20.23 -13.74 -38.71
CA ASN C 78 21.04 -14.78 -39.34
C ASN C 78 21.09 -16.11 -38.60
N GLY C 79 20.60 -16.12 -37.37
CA GLY C 79 20.86 -17.23 -36.47
C GLY C 79 22.34 -17.35 -36.17
N VAL C 80 22.71 -18.39 -35.46
CA VAL C 80 24.11 -18.62 -35.07
C VAL C 80 24.46 -20.12 -35.12
N HIS C 81 25.66 -20.44 -35.60
CA HIS C 81 26.16 -21.83 -35.64
C HIS C 81 26.60 -22.32 -34.27
N THR C 82 26.83 -23.64 -34.17
CA THR C 82 27.35 -24.24 -32.95
C THR C 82 28.84 -23.89 -32.82
N GLU C 83 29.36 -23.96 -31.59
CA GLU C 83 30.77 -23.72 -31.34
C GLU C 83 31.67 -24.75 -32.03
N ARG C 84 31.25 -26.02 -32.01
CA ARG C 84 31.99 -27.09 -32.66
C ARG C 84 32.07 -26.87 -34.19
N GLU C 85 30.99 -26.35 -34.74
CA GLU C 85 30.91 -26.01 -36.15
C GLU C 85 31.80 -24.80 -36.51
N TYR C 86 31.83 -23.80 -35.63
CA TYR C 86 32.54 -22.56 -35.93
C TYR C 86 33.33 -22.21 -34.68
N PRO C 87 34.49 -22.89 -34.47
CA PRO C 87 35.25 -22.73 -33.22
C PRO C 87 35.94 -21.39 -33.09
N TYR C 88 36.25 -21.03 -31.86
CA TYR C 88 36.91 -19.75 -31.53
C TYR C 88 38.37 -19.73 -32.00
N GLU C 89 38.78 -18.59 -32.59
CA GLU C 89 40.15 -18.44 -33.09
C GLU C 89 40.96 -17.31 -32.43
N LYS C 90 40.33 -16.59 -31.49
CA LYS C 90 40.98 -15.51 -30.71
C LYS C 90 41.29 -14.23 -31.53
N LYS C 91 40.76 -14.17 -32.76
CA LYS C 91 40.98 -13.07 -33.70
C LYS C 91 39.86 -13.06 -34.73
N GLN C 92 39.53 -11.86 -35.22
CA GLN C 92 38.54 -11.69 -36.29
C GLN C 92 39.12 -12.20 -37.62
N GLY C 93 38.29 -12.95 -38.36
CA GLY C 93 38.67 -13.49 -39.66
C GLY C 93 37.51 -13.36 -40.65
N ARG C 94 37.63 -13.98 -41.82
CA ARG C 94 36.53 -13.94 -42.80
C ARG C 94 35.27 -14.52 -42.19
N CYS C 95 34.15 -13.84 -42.41
CA CYS C 95 32.86 -14.38 -42.03
C CYS C 95 32.55 -15.68 -42.81
N ARG C 96 32.55 -16.80 -42.10
CA ARG C 96 32.42 -18.12 -42.72
C ARG C 96 31.08 -18.79 -42.41
N ALA C 97 30.05 -17.98 -42.13
CA ALA C 97 28.75 -18.49 -41.71
C ALA C 97 28.03 -19.27 -42.82
N LYS C 98 28.22 -18.83 -44.06
CA LYS C 98 27.66 -19.49 -45.22
C LYS C 98 28.45 -20.73 -45.63
N ASP C 99 29.74 -20.78 -45.29
CA ASP C 99 30.59 -21.96 -45.54
C ASP C 99 30.13 -23.17 -44.72
N LYS C 100 29.75 -22.91 -43.46
CA LYS C 100 29.36 -23.96 -42.52
C LYS C 100 27.91 -24.36 -42.77
N LYS C 101 27.68 -25.66 -42.93
CA LYS C 101 26.39 -26.20 -43.39
C LYS C 101 25.43 -26.60 -42.26
N GLY C 102 25.97 -26.73 -41.04
CA GLY C 102 25.19 -27.19 -39.88
C GLY C 102 23.95 -26.37 -39.56
N PRO C 103 23.04 -26.93 -38.72
CA PRO C 103 21.80 -26.24 -38.36
C PRO C 103 22.08 -25.10 -37.38
N LYS C 104 21.49 -23.94 -37.65
CA LYS C 104 21.75 -22.76 -36.82
C LYS C 104 20.67 -22.59 -35.78
N VAL C 105 21.02 -21.89 -34.70
CA VAL C 105 20.05 -21.52 -33.67
C VAL C 105 19.55 -20.08 -33.91
N TYR C 106 18.24 -19.93 -34.01
CA TYR C 106 17.61 -18.65 -34.28
C TYR C 106 16.86 -18.08 -33.09
N ILE C 107 16.72 -16.76 -33.06
CA ILE C 107 15.82 -16.07 -32.13
C ILE C 107 14.93 -15.16 -32.97
N THR C 108 13.87 -14.63 -32.36
CA THR C 108 12.90 -13.86 -33.12
C THR C 108 12.96 -12.35 -32.81
N GLY C 109 13.52 -12.02 -31.66
CA GLY C 109 13.60 -10.62 -31.21
C GLY C 109 14.46 -10.53 -29.98
N TYR C 110 14.57 -9.34 -29.42
CA TYR C 110 15.21 -9.15 -28.13
C TYR C 110 14.59 -7.95 -27.42
N LYS C 111 14.71 -7.94 -26.11
CA LYS C 111 14.02 -6.96 -25.27
C LYS C 111 15.01 -6.23 -24.39
N TYR C 112 14.76 -4.94 -24.24
CA TYR C 112 15.49 -4.08 -23.35
C TYR C 112 14.85 -4.13 -21.97
N VAL C 113 15.64 -4.49 -20.96
CA VAL C 113 15.18 -4.48 -19.57
C VAL C 113 15.14 -3.03 -19.06
N PRO C 114 14.05 -2.62 -18.38
CA PRO C 114 14.02 -1.23 -17.87
C PRO C 114 15.26 -0.94 -17.02
N ALA C 115 16.02 0.08 -17.41
CA ALA C 115 17.36 0.32 -16.87
C ALA C 115 17.38 0.81 -15.42
N ASN C 116 18.54 0.73 -14.77
CA ASN C 116 18.77 1.25 -13.41
C ASN C 116 17.72 0.85 -12.37
N ASP C 117 17.26 -0.39 -12.41
CA ASP C 117 16.24 -0.85 -11.48
C ASP C 117 16.47 -2.30 -11.09
N GLU C 118 16.64 -2.51 -9.77
CA GLU C 118 16.95 -3.82 -9.22
C GLU C 118 15.92 -4.88 -9.57
N ILE C 119 14.67 -4.59 -9.25
CA ILE C 119 13.60 -5.58 -9.41
C ILE C 119 13.33 -5.88 -10.88
N SER C 120 13.37 -4.87 -11.74
CA SER C 120 13.25 -5.10 -13.18
C SER C 120 14.23 -6.17 -13.67
N LEU C 121 15.49 -6.07 -13.27
CA LEU C 121 16.52 -7.03 -13.68
C LEU C 121 16.33 -8.41 -13.04
N ILE C 122 16.02 -8.43 -11.75
CA ILE C 122 15.69 -9.69 -11.04
C ILE C 122 14.55 -10.44 -11.74
N GLN C 123 13.49 -9.71 -12.07
CA GLN C 123 12.33 -10.31 -12.77
C GLN C 123 12.69 -10.89 -14.13
N ALA C 124 13.56 -10.19 -14.85
CA ALA C 124 14.04 -10.64 -16.17
C ALA C 124 14.92 -11.91 -16.05
N ILE C 125 15.87 -11.91 -15.11
CA ILE C 125 16.73 -13.08 -14.86
C ILE C 125 15.89 -14.32 -14.49
N ALA C 126 14.84 -14.12 -13.71
CA ALA C 126 13.93 -15.20 -13.32
C ALA C 126 13.37 -15.97 -14.54
N ASN C 127 13.17 -15.28 -15.66
CA ASN C 127 12.69 -15.91 -16.89
C ASN C 127 13.79 -16.53 -17.78
N GLN C 128 14.97 -15.90 -17.79
CA GLN C 128 16.10 -16.34 -18.65
C GLN C 128 17.41 -15.63 -18.31
N PRO C 129 18.55 -16.23 -18.73
CA PRO C 129 19.81 -15.47 -18.70
C PRO C 129 19.71 -14.14 -19.44
N VAL C 130 20.30 -13.11 -18.84
CA VAL C 130 20.25 -11.77 -19.36
C VAL C 130 21.67 -11.25 -19.66
N SER C 131 21.81 -10.51 -20.76
CA SER C 131 23.03 -9.81 -21.08
C SER C 131 23.08 -8.52 -20.27
N VAL C 132 24.10 -8.39 -19.42
CA VAL C 132 24.30 -7.19 -18.60
C VAL C 132 25.71 -6.67 -18.73
N VAL C 133 25.93 -5.44 -18.28
CA VAL C 133 27.24 -4.80 -18.36
C VAL C 133 27.79 -4.46 -16.99
N THR C 134 29.12 -4.39 -16.88
CA THR C 134 29.78 -3.96 -15.63
C THR C 134 31.00 -3.12 -15.94
N ASP C 135 31.41 -2.33 -14.94
CA ASP C 135 32.67 -1.61 -14.95
C ASP C 135 33.73 -2.59 -14.43
N SER C 136 34.59 -3.06 -15.34
CA SER C 136 35.58 -4.10 -15.03
C SER C 136 36.99 -3.58 -14.80
N ARG C 137 37.18 -2.27 -14.89
CA ARG C 137 38.54 -1.67 -14.85
C ARG C 137 39.20 -1.74 -13.47
N GLY C 138 38.39 -1.88 -12.41
CA GLY C 138 38.89 -1.89 -11.05
C GLY C 138 39.62 -3.18 -10.74
N ARG C 139 40.59 -3.11 -9.84
CA ARG C 139 41.44 -4.25 -9.50
C ARG C 139 40.68 -5.33 -8.74
N GLY C 140 39.68 -4.90 -7.94
CA GLY C 140 38.82 -5.82 -7.19
C GLY C 140 37.96 -6.67 -8.11
N PHE C 141 37.57 -6.11 -9.26
CA PHE C 141 36.93 -6.89 -10.30
C PHE C 141 37.94 -7.71 -11.12
N GLN C 142 38.99 -7.06 -11.62
CA GLN C 142 39.99 -7.72 -12.44
C GLN C 142 40.59 -8.94 -11.73
N PHE C 143 40.94 -8.77 -10.45
CA PHE C 143 41.61 -9.82 -9.69
C PHE C 143 40.70 -10.40 -8.61
N TYR C 144 39.41 -10.53 -8.96
CA TYR C 144 38.38 -11.06 -8.08
C TYR C 144 38.63 -12.54 -7.76
N LYS C 145 38.63 -12.84 -6.46
CA LYS C 145 38.91 -14.20 -5.95
C LYS C 145 37.68 -14.93 -5.40
N GLY C 146 36.53 -14.27 -5.39
CA GLY C 146 35.34 -14.90 -4.82
C GLY C 146 34.59 -13.98 -3.88
N GLY C 147 33.41 -14.43 -3.43
CA GLY C 147 32.57 -13.66 -2.53
C GLY C 147 31.50 -12.86 -3.25
N ILE C 148 30.60 -12.25 -2.50
CA ILE C 148 29.63 -11.37 -3.09
C ILE C 148 30.28 -9.99 -3.24
N TYR C 149 30.65 -9.67 -4.48
CA TYR C 149 31.44 -8.48 -4.74
C TYR C 149 30.64 -7.19 -4.54
N GLU C 150 31.22 -6.27 -3.78
CA GLU C 150 30.58 -4.99 -3.47
C GLU C 150 31.39 -3.80 -3.99
N GLY C 151 32.61 -4.07 -4.45
CA GLY C 151 33.51 -3.00 -4.93
C GLY C 151 34.84 -3.01 -4.21
N PRO C 152 35.61 -1.90 -4.29
CA PRO C 152 35.21 -0.65 -4.96
C PRO C 152 35.34 -0.71 -6.48
N CYS C 153 34.35 -0.16 -7.15
CA CYS C 153 34.28 -0.12 -8.60
C CYS C 153 33.45 1.09 -8.97
N GLY C 154 33.69 1.63 -10.16
CA GLY C 154 32.89 2.73 -10.70
C GLY C 154 31.67 2.21 -11.45
N THR C 155 31.02 3.10 -12.19
CA THR C 155 29.87 2.72 -13.00
C THR C 155 30.11 3.11 -14.47
N ASN C 156 31.38 3.19 -14.84
CA ASN C 156 31.77 3.36 -16.23
C ASN C 156 31.95 1.98 -16.86
N THR C 157 30.86 1.44 -17.39
CA THR C 157 30.79 0.06 -17.85
C THR C 157 31.62 -0.17 -19.11
N ASP C 158 32.40 -1.26 -19.11
CA ASP C 158 33.28 -1.56 -20.24
C ASP C 158 33.32 -3.05 -20.60
N HIS C 159 32.48 -3.86 -19.93
CA HIS C 159 32.57 -5.31 -20.07
C HIS C 159 31.18 -5.92 -20.11
N ALA C 160 30.91 -6.74 -21.14
CA ALA C 160 29.60 -7.36 -21.30
C ALA C 160 29.66 -8.80 -20.81
N VAL C 161 28.74 -9.15 -19.91
CA VAL C 161 28.73 -10.45 -19.25
C VAL C 161 27.29 -11.00 -19.21
N THR C 162 27.10 -12.14 -18.54
CA THR C 162 25.80 -12.83 -18.55
C THR C 162 25.28 -13.12 -17.14
N ALA C 163 24.12 -12.55 -16.84
CA ALA C 163 23.42 -12.79 -15.60
C ALA C 163 22.66 -14.10 -15.73
N VAL C 164 23.17 -15.15 -15.09
CA VAL C 164 22.52 -16.48 -15.18
C VAL C 164 21.78 -16.87 -13.87
N GLY C 165 21.64 -15.91 -12.95
CA GLY C 165 20.94 -16.17 -11.70
C GLY C 165 21.07 -15.06 -10.70
N TYR C 166 20.50 -15.30 -9.52
CA TYR C 166 20.54 -14.33 -8.43
C TYR C 166 20.17 -15.03 -7.12
N GLY C 167 20.53 -14.38 -6.01
CA GLY C 167 20.02 -14.76 -4.70
C GLY C 167 19.49 -13.51 -4.01
N LYS C 168 19.21 -13.62 -2.72
CA LYS C 168 18.60 -12.51 -1.97
C LYS C 168 19.46 -11.26 -1.99
N THR C 169 20.80 -11.43 -1.97
CA THR C 169 21.72 -10.29 -1.88
C THR C 169 22.70 -10.11 -3.09
N TYR C 170 22.58 -10.94 -4.13
CA TYR C 170 23.57 -10.95 -5.21
C TYR C 170 22.99 -11.30 -6.57
N LEU C 171 23.72 -10.93 -7.62
CA LEU C 171 23.46 -11.38 -8.96
C LEU C 171 24.57 -12.33 -9.42
N LEU C 172 24.18 -13.48 -9.96
CA LEU C 172 25.11 -14.50 -10.41
C LEU C 172 25.48 -14.25 -11.85
N LEU C 173 26.78 -14.14 -12.10
CA LEU C 173 27.25 -13.69 -13.38
C LEU C 173 28.26 -14.67 -13.95
N LYS C 174 27.99 -15.12 -15.18
CA LYS C 174 28.96 -15.90 -15.95
C LYS C 174 29.90 -14.95 -16.69
N ASN C 175 31.18 -15.01 -16.33
CA ASN C 175 32.22 -14.27 -17.06
C ASN C 175 32.84 -15.15 -18.18
N SER C 176 33.68 -14.54 -19.01
CA SER C 176 34.22 -15.21 -20.19
C SER C 176 35.74 -15.18 -20.15
N TRP C 177 36.29 -15.31 -18.95
CA TRP C 177 37.74 -15.32 -18.76
C TRP C 177 38.24 -16.70 -18.32
N GLY C 178 37.49 -17.75 -18.68
CA GLY C 178 37.83 -19.12 -18.33
C GLY C 178 37.42 -19.50 -16.91
N PRO C 179 37.45 -20.81 -16.60
CA PRO C 179 37.01 -21.37 -15.30
C PRO C 179 37.99 -21.17 -14.15
N ASN C 180 39.17 -20.61 -14.42
CA ASN C 180 40.14 -20.35 -13.37
C ASN C 180 40.03 -18.95 -12.78
N TRP C 181 39.17 -18.10 -13.36
CA TRP C 181 38.91 -16.77 -12.81
C TRP C 181 37.74 -16.80 -11.84
N GLY C 182 37.85 -16.03 -10.76
CA GLY C 182 36.75 -15.87 -9.81
C GLY C 182 36.28 -17.16 -9.18
N GLU C 183 34.97 -17.38 -9.21
CA GLU C 183 34.37 -18.60 -8.66
C GLU C 183 34.06 -19.58 -9.78
N LYS C 184 35.08 -20.32 -10.20
CA LYS C 184 35.00 -21.25 -11.34
C LYS C 184 34.51 -20.55 -12.63
N GLY C 185 34.95 -19.30 -12.82
CA GLY C 185 34.60 -18.51 -14.00
C GLY C 185 33.40 -17.59 -13.81
N TYR C 186 32.83 -17.63 -12.61
CA TYR C 186 31.65 -16.85 -12.27
C TYR C 186 31.99 -15.78 -11.25
N ILE C 187 31.12 -14.78 -11.16
CA ILE C 187 31.19 -13.76 -10.10
C ILE C 187 29.79 -13.52 -9.54
N ARG C 188 29.70 -13.40 -8.21
CA ARG C 188 28.50 -12.91 -7.56
C ARG C 188 28.71 -11.45 -7.22
N ILE C 189 27.76 -10.61 -7.60
CA ILE C 189 27.87 -9.18 -7.38
C ILE C 189 26.68 -8.70 -6.54
N LYS C 190 26.99 -7.88 -5.53
CA LYS C 190 25.97 -7.32 -4.65
C LYS C 190 24.78 -6.74 -5.43
N ARG C 191 23.57 -7.05 -4.95
CA ARG C 191 22.36 -6.41 -5.43
C ARG C 191 22.23 -5.09 -4.74
N ALA C 192 22.38 -4.01 -5.50
CA ALA C 192 22.05 -2.69 -5.01
C ALA C 192 20.53 -2.64 -4.87
N SER C 193 20.04 -1.93 -3.86
CA SER C 193 18.59 -1.89 -3.60
C SER C 193 17.89 -0.84 -4.45
N GLY C 194 16.75 -1.23 -5.04
CA GLY C 194 15.89 -0.31 -5.79
C GLY C 194 16.50 0.30 -7.05
N ARG C 195 16.19 1.58 -7.27
CA ARG C 195 16.70 2.34 -8.40
C ARG C 195 18.11 2.82 -8.14
N SER C 196 19.04 2.38 -9.00
CA SER C 196 20.41 2.86 -9.03
C SER C 196 21.11 2.24 -10.26
N LYS C 197 22.34 2.67 -10.51
CA LYS C 197 23.16 2.10 -11.59
C LYS C 197 23.57 0.66 -11.30
N GLY C 198 23.46 0.25 -10.04
CA GLY C 198 23.85 -1.07 -9.62
C GLY C 198 25.34 -1.11 -9.31
N THR C 199 25.74 -2.15 -8.59
CA THR C 199 27.13 -2.36 -8.22
C THR C 199 27.97 -2.55 -9.49
N CYS C 200 28.98 -1.70 -9.65
CA CYS C 200 29.83 -1.67 -10.85
C CYS C 200 29.02 -1.33 -12.13
N GLY C 201 27.83 -0.75 -11.95
CA GLY C 201 26.97 -0.35 -13.07
C GLY C 201 26.18 -1.48 -13.71
N VAL C 202 25.94 -2.54 -12.94
CA VAL C 202 25.29 -3.76 -13.42
C VAL C 202 23.79 -3.63 -13.82
N TYR C 203 23.15 -2.53 -13.42
CA TYR C 203 21.76 -2.25 -13.86
C TYR C 203 21.69 -1.31 -15.08
N THR C 204 22.83 -0.86 -15.58
CA THR C 204 22.86 0.22 -16.59
C THR C 204 22.37 -0.14 -17.99
N SER C 205 22.62 -1.39 -18.44
CA SER C 205 22.29 -1.80 -19.80
C SER C 205 22.07 -3.30 -19.91
N SER C 206 20.81 -3.72 -19.84
CA SER C 206 20.45 -5.14 -19.82
C SER C 206 19.52 -5.48 -20.98
N PHE C 207 19.81 -6.60 -21.63
CA PHE C 207 19.02 -7.08 -22.78
C PHE C 207 18.87 -8.59 -22.72
N PHE C 208 17.74 -9.09 -23.22
CA PHE C 208 17.56 -10.52 -23.37
C PHE C 208 16.88 -10.88 -24.68
N PRO C 209 17.21 -12.05 -25.24
CA PRO C 209 16.65 -12.49 -26.51
C PRO C 209 15.24 -13.06 -26.33
N ILE C 210 14.51 -13.10 -27.43
CA ILE C 210 13.17 -13.66 -27.45
C ILE C 210 13.14 -14.73 -28.53
N LYS C 211 12.57 -15.87 -28.20
CA LYS C 211 12.50 -16.99 -29.13
C LYS C 211 11.06 -17.48 -29.21
N GLY C 212 10.31 -16.91 -30.14
CA GLY C 212 8.91 -17.31 -30.38
C GLY C 212 8.65 -17.61 -31.85
N TYR D 1 -22.51 -24.14 41.60
CA TYR D 1 -22.84 -23.13 40.56
C TYR D 1 -24.35 -22.97 40.44
N PRO D 2 -24.85 -21.71 40.48
CA PRO D 2 -26.28 -21.44 40.34
C PRO D 2 -26.80 -21.68 38.92
N GLU D 3 -28.11 -21.88 38.78
CA GLU D 3 -28.74 -22.14 37.49
C GLU D 3 -28.64 -20.94 36.56
N SER D 4 -28.62 -19.74 37.15
CA SER D 4 -28.37 -18.50 36.41
C SER D 4 -27.71 -17.45 37.33
N ILE D 5 -27.03 -16.49 36.72
CA ILE D 5 -26.43 -15.38 37.48
C ILE D 5 -26.40 -14.08 36.66
N ASP D 6 -26.46 -12.95 37.36
CA ASP D 6 -26.41 -11.67 36.72
C ASP D 6 -25.61 -10.73 37.60
N TRP D 7 -24.34 -10.53 37.25
CA TRP D 7 -23.47 -9.67 38.06
C TRP D 7 -23.91 -8.19 38.14
N ARG D 8 -24.77 -7.76 37.20
CA ARG D 8 -25.39 -6.43 37.33
C ARG D 8 -26.28 -6.40 38.59
N GLU D 9 -27.10 -7.42 38.76
CA GLU D 9 -27.95 -7.53 39.97
C GLU D 9 -27.12 -7.50 41.25
N LYS D 10 -25.96 -8.16 41.23
CA LYS D 10 -25.08 -8.26 42.38
C LYS D 10 -24.19 -7.02 42.58
N GLY D 11 -24.30 -6.04 41.67
CA GLY D 11 -23.66 -4.73 41.84
C GLY D 11 -22.21 -4.65 41.35
N ALA D 12 -21.83 -5.57 40.47
CA ALA D 12 -20.44 -5.75 40.07
C ALA D 12 -20.19 -5.28 38.66
N VAL D 13 -21.14 -4.55 38.09
CA VAL D 13 -21.04 -4.09 36.71
C VAL D 13 -21.36 -2.61 36.61
N THR D 14 -20.44 -1.84 36.02
CA THR D 14 -20.62 -0.42 35.83
C THR D 14 -21.51 -0.20 34.60
N PRO D 15 -22.08 1.01 34.46
CA PRO D 15 -22.85 1.30 33.24
C PRO D 15 -22.08 0.98 31.95
N VAL D 16 -22.84 0.74 30.88
CA VAL D 16 -22.31 0.46 29.57
C VAL D 16 -21.50 1.67 29.07
N LYS D 17 -20.37 1.37 28.42
CA LYS D 17 -19.47 2.37 27.87
C LYS D 17 -19.48 2.23 26.35
N ASN D 18 -18.88 3.22 25.69
CA ASN D 18 -18.77 3.22 24.23
C ASN D 18 -17.34 3.51 23.79
N GLN D 19 -16.74 2.52 23.14
CA GLN D 19 -15.36 2.62 22.66
C GLN D 19 -15.21 3.43 21.38
N ASN D 20 -16.32 3.68 20.69
CA ASN D 20 -16.29 4.09 19.29
C ASN D 20 -15.72 5.50 19.06
N PRO D 21 -15.02 5.72 17.91
CA PRO D 21 -14.72 4.77 16.82
C PRO D 21 -13.41 3.96 16.99
N CYS D 22 -12.81 4.01 18.16
CA CYS D 22 -11.54 3.35 18.43
C CYS D 22 -11.71 1.84 18.71
N GLY D 23 -10.95 1.01 18.00
CA GLY D 23 -11.04 -0.45 18.12
C GLY D 23 -10.25 -0.99 19.30
N SER D 24 -10.68 -0.61 20.51
CA SER D 24 -9.96 -0.94 21.73
C SER D 24 -10.75 -1.87 22.65
N CYS D 25 -11.58 -2.73 22.06
CA CYS D 25 -12.42 -3.66 22.82
C CYS D 25 -11.66 -4.44 23.88
N TRP D 26 -10.41 -4.80 23.55
CA TRP D 26 -9.51 -5.51 24.46
C TRP D 26 -9.41 -4.79 25.82
N ALA D 27 -9.25 -3.46 25.77
CA ALA D 27 -9.10 -2.63 26.94
C ALA D 27 -10.38 -2.61 27.74
N PHE D 28 -11.50 -2.53 27.03
CA PHE D 28 -12.79 -2.51 27.66
C PHE D 28 -13.15 -3.84 28.31
N SER D 29 -12.81 -4.94 27.64
CA SER D 29 -13.05 -6.29 28.15
C SER D 29 -12.26 -6.52 29.44
N THR D 30 -10.98 -6.18 29.40
CA THR D 30 -10.12 -6.32 30.57
C THR D 30 -10.61 -5.43 31.71
N VAL D 31 -10.96 -4.19 31.41
CA VAL D 31 -11.35 -3.25 32.48
C VAL D 31 -12.61 -3.69 33.22
N ALA D 32 -13.64 -4.09 32.48
CA ALA D 32 -14.88 -4.54 33.09
C ALA D 32 -14.65 -5.72 34.04
N THR D 33 -13.68 -6.59 33.72
CA THR D 33 -13.34 -7.69 34.62
C THR D 33 -12.68 -7.19 35.90
N ILE D 34 -11.80 -6.18 35.77
CA ILE D 34 -11.18 -5.55 36.94
C ILE D 34 -12.24 -4.88 37.80
N GLU D 35 -13.11 -4.07 37.17
CA GLU D 35 -14.24 -3.42 37.90
C GLU D 35 -15.04 -4.45 38.68
N GLY D 36 -15.29 -5.61 38.07
CA GLY D 36 -16.11 -6.67 38.68
C GLY D 36 -15.45 -7.32 39.87
N ILE D 37 -14.20 -7.76 39.70
CA ILE D 37 -13.47 -8.40 40.79
C ILE D 37 -13.14 -7.42 41.94
N ASN D 38 -12.84 -6.16 41.61
CA ASN D 38 -12.68 -5.14 42.67
C ASN D 38 -13.94 -5.06 43.54
N LYS D 39 -15.10 -5.07 42.89
CA LYS D 39 -16.36 -5.06 43.62
C LYS D 39 -16.57 -6.32 44.47
N ILE D 40 -16.28 -7.47 43.87
CA ILE D 40 -16.42 -8.76 44.54
C ILE D 40 -15.55 -8.82 45.80
N ILE D 41 -14.32 -8.34 45.67
CA ILE D 41 -13.38 -8.36 46.80
C ILE D 41 -13.63 -7.26 47.83
N THR D 42 -13.76 -6.01 47.37
CA THR D 42 -13.80 -4.86 48.26
C THR D 42 -15.22 -4.43 48.66
N GLY D 43 -16.23 -4.83 47.89
CA GLY D 43 -17.61 -4.38 48.11
C GLY D 43 -17.92 -3.04 47.46
N GLN D 44 -16.94 -2.48 46.75
CA GLN D 44 -17.03 -1.15 46.17
C GLN D 44 -16.90 -1.22 44.66
N LEU D 45 -17.90 -0.68 43.95
CA LEU D 45 -17.90 -0.64 42.49
C LEU D 45 -17.32 0.67 41.98
N ILE D 46 -16.24 0.58 41.23
CA ILE D 46 -15.59 1.75 40.63
C ILE D 46 -15.52 1.59 39.12
N SER D 47 -15.70 2.70 38.39
CA SER D 47 -15.48 2.69 36.95
C SER D 47 -14.00 3.00 36.70
N LEU D 48 -13.34 2.12 35.96
CA LEU D 48 -11.90 2.18 35.77
C LEU D 48 -11.50 2.60 34.35
N SER D 49 -10.21 2.79 34.12
CA SER D 49 -9.75 3.51 32.95
C SER D 49 -9.25 2.64 31.80
N GLU D 50 -10.06 2.53 30.75
CA GLU D 50 -9.61 1.95 29.48
C GLU D 50 -8.53 2.79 28.81
N GLN D 51 -8.59 4.11 29.01
CA GLN D 51 -7.63 5.02 28.38
C GLN D 51 -6.19 4.75 28.84
N GLU D 52 -6.01 4.41 30.11
CA GLU D 52 -4.67 4.04 30.62
C GLU D 52 -4.11 2.86 29.87
N LEU D 53 -4.90 1.81 29.73
CA LEU D 53 -4.46 0.62 29.01
C LEU D 53 -4.18 0.97 27.55
N LEU D 54 -5.06 1.77 26.96
CA LEU D 54 -4.89 2.23 25.58
C LEU D 54 -3.58 2.96 25.38
N ASP D 55 -3.25 3.85 26.34
CA ASP D 55 -2.05 4.69 26.25
C ASP D 55 -0.77 3.97 26.67
N CYS D 56 -0.91 3.03 27.61
CA CYS D 56 0.26 2.52 28.34
C CYS D 56 0.55 1.06 28.09
N GLU D 57 -0.44 0.32 27.62
CA GLU D 57 -0.21 -1.09 27.33
C GLU D 57 0.06 -1.23 25.84
N ARG D 58 1.34 -1.22 25.49
CA ARG D 58 1.73 -1.07 24.07
C ARG D 58 2.29 -2.33 23.41
N ARG D 59 2.06 -3.49 24.04
CA ARG D 59 2.17 -4.76 23.33
C ARG D 59 0.91 -4.90 22.46
N SER D 60 -0.22 -4.49 23.03
CA SER D 60 -1.43 -4.27 22.25
C SER D 60 -1.25 -3.06 21.31
N HIS D 61 -2.13 -2.97 20.32
CA HIS D 61 -1.96 -2.04 19.21
C HIS D 61 -3.02 -0.95 19.22
N GLY D 62 -3.30 -0.44 20.42
CA GLY D 62 -4.22 0.68 20.61
C GLY D 62 -5.59 0.48 20.01
N CYS D 63 -5.99 1.43 19.17
CA CYS D 63 -7.29 1.39 18.44
C CYS D 63 -7.28 0.38 17.28
N ASP D 64 -6.12 -0.23 17.02
CA ASP D 64 -6.02 -1.34 16.06
C ASP D 64 -6.10 -2.72 16.74
N GLY D 65 -6.46 -2.72 18.03
CA GLY D 65 -6.78 -3.96 18.74
C GLY D 65 -5.63 -4.49 19.59
N GLY D 66 -5.89 -5.55 20.34
CA GLY D 66 -4.86 -6.09 21.22
C GLY D 66 -5.20 -7.40 21.89
N TYR D 67 -4.67 -7.58 23.10
CA TYR D 67 -4.62 -8.91 23.71
C TYR D 67 -5.18 -8.93 25.09
N GLN D 68 -5.81 -10.05 25.41
CA GLN D 68 -6.37 -10.27 26.74
C GLN D 68 -5.26 -10.46 27.77
N THR D 69 -4.22 -11.18 27.37
CA THR D 69 -3.15 -11.57 28.30
C THR D 69 -2.29 -10.38 28.72
N THR D 70 -1.80 -9.63 27.75
CA THR D 70 -0.93 -8.47 28.02
C THR D 70 -1.69 -7.33 28.72
N SER D 71 -3.00 -7.22 28.47
CA SER D 71 -3.83 -6.21 29.13
C SER D 71 -4.16 -6.59 30.57
N LEU D 72 -4.43 -7.88 30.80
CA LEU D 72 -4.60 -8.36 32.18
C LEU D 72 -3.27 -8.27 32.95
N GLN D 73 -2.17 -8.65 32.29
CA GLN D 73 -0.82 -8.57 32.90
C GLN D 73 -0.44 -7.12 33.29
N TYR D 74 -0.86 -6.15 32.46
CA TYR D 74 -0.66 -4.72 32.76
C TYR D 74 -1.25 -4.32 34.12
N VAL D 75 -2.45 -4.82 34.44
CA VAL D 75 -3.13 -4.42 35.68
C VAL D 75 -2.45 -5.13 36.86
N VAL D 76 -1.97 -6.35 36.64
CA VAL D 76 -1.15 -7.03 37.63
C VAL D 76 0.08 -6.16 37.89
N ASP D 77 0.78 -5.78 36.83
CA ASP D 77 2.06 -5.10 36.96
C ASP D 77 1.95 -3.69 37.50
N ASN D 78 0.91 -2.96 37.07
CA ASN D 78 0.84 -1.52 37.35
C ASN D 78 -0.42 -1.05 38.05
N GLY D 79 -1.41 -1.94 38.18
CA GLY D 79 -2.75 -1.50 38.57
C GLY D 79 -3.34 -0.60 37.51
N VAL D 80 -4.55 -0.09 37.75
CA VAL D 80 -5.21 0.79 36.82
C VAL D 80 -5.94 1.93 37.54
N HIS D 81 -5.93 3.11 36.93
CA HIS D 81 -6.64 4.28 37.50
C HIS D 81 -8.14 4.22 37.26
N THR D 82 -8.86 5.14 37.89
CA THR D 82 -10.29 5.31 37.67
C THR D 82 -10.53 6.04 36.35
N GLU D 83 -11.72 5.85 35.80
CA GLU D 83 -12.16 6.55 34.59
C GLU D 83 -12.24 8.06 34.81
N ARG D 84 -12.61 8.46 36.02
CA ARG D 84 -12.69 9.88 36.40
C ARG D 84 -11.35 10.57 36.25
N GLU D 85 -10.31 9.96 36.81
CA GLU D 85 -8.99 10.57 36.80
C GLU D 85 -8.31 10.46 35.42
N TYR D 86 -8.63 9.39 34.69
CA TYR D 86 -8.00 9.11 33.40
C TYR D 86 -9.10 8.75 32.38
N PRO D 87 -9.84 9.77 31.90
CA PRO D 87 -11.03 9.52 31.06
C PRO D 87 -10.69 9.19 29.62
N TYR D 88 -11.69 8.63 28.93
CA TYR D 88 -11.53 8.10 27.59
C TYR D 88 -11.38 9.20 26.54
N GLU D 89 -10.50 8.98 25.58
CA GLU D 89 -10.22 9.99 24.54
C GLU D 89 -10.44 9.53 23.08
N LYS D 90 -10.89 8.28 22.91
CA LYS D 90 -11.21 7.68 21.58
C LYS D 90 -9.99 7.54 20.65
N LYS D 91 -8.80 7.73 21.20
CA LYS D 91 -7.55 7.54 20.46
C LYS D 91 -6.38 7.42 21.43
N GLN D 92 -5.33 6.75 20.96
CA GLN D 92 -4.14 6.55 21.75
C GLN D 92 -3.38 7.86 21.93
N GLY D 93 -2.92 8.10 23.16
CA GLY D 93 -2.14 9.28 23.50
C GLY D 93 -0.96 8.93 24.40
N ARG D 94 -0.31 9.95 24.96
CA ARG D 94 0.84 9.72 25.83
C ARG D 94 0.42 8.96 27.09
N CYS D 95 1.23 7.98 27.49
CA CYS D 95 0.97 7.30 28.76
C CYS D 95 1.11 8.25 29.94
N ARG D 96 -0.05 8.56 30.56
CA ARG D 96 -0.11 9.49 31.67
C ARG D 96 -0.29 8.84 33.06
N ALA D 97 -0.06 7.52 33.13
CA ALA D 97 -0.28 6.77 34.39
C ALA D 97 0.49 7.37 35.60
N LYS D 98 1.78 7.64 35.39
CA LYS D 98 2.67 8.21 36.43
C LYS D 98 2.31 9.63 36.82
N ASP D 99 1.61 10.34 35.92
CA ASP D 99 1.14 11.70 36.21
C ASP D 99 -0.05 11.72 37.16
N LYS D 100 -0.90 10.69 37.08
CA LYS D 100 -2.17 10.65 37.80
C LYS D 100 -1.96 10.32 39.27
N LYS D 101 -2.84 10.89 40.11
CA LYS D 101 -2.66 10.89 41.55
C LYS D 101 -3.41 9.77 42.25
N GLY D 102 -4.73 9.72 42.06
CA GLY D 102 -5.65 8.86 42.82
C GLY D 102 -5.25 7.41 43.02
N PRO D 103 -5.94 6.71 43.95
CA PRO D 103 -5.61 5.31 44.21
C PRO D 103 -5.94 4.47 42.99
N LYS D 104 -5.08 3.49 42.71
CA LYS D 104 -5.28 2.56 41.60
C LYS D 104 -5.91 1.26 42.11
N VAL D 105 -6.58 0.52 41.21
CA VAL D 105 -7.06 -0.81 41.52
C VAL D 105 -6.05 -1.82 41.00
N TYR D 106 -5.60 -2.71 41.88
CA TYR D 106 -4.65 -3.76 41.53
C TYR D 106 -5.29 -5.14 41.52
N ILE D 107 -4.69 -6.04 40.75
CA ILE D 107 -5.02 -7.46 40.78
C ILE D 107 -3.69 -8.19 40.97
N THR D 108 -3.74 -9.45 41.41
CA THR D 108 -2.50 -10.17 41.73
C THR D 108 -2.11 -11.18 40.66
N GLY D 109 -3.04 -11.45 39.75
CA GLY D 109 -2.79 -12.36 38.66
C GLY D 109 -4.02 -12.50 37.80
N TYR D 110 -3.95 -13.41 36.84
CA TYR D 110 -5.09 -13.72 36.02
C TYR D 110 -5.04 -15.17 35.63
N LYS D 111 -6.18 -15.70 35.22
CA LYS D 111 -6.31 -17.12 34.98
C LYS D 111 -6.90 -17.40 33.60
N TYR D 112 -6.32 -18.39 32.91
CA TYR D 112 -6.85 -18.92 31.64
C TYR D 112 -7.98 -19.87 31.98
N VAL D 113 -9.16 -19.62 31.40
CA VAL D 113 -10.26 -20.60 31.46
C VAL D 113 -9.97 -21.73 30.46
N PRO D 114 -10.04 -23.02 30.91
CA PRO D 114 -9.90 -24.12 29.94
C PRO D 114 -10.83 -23.94 28.73
N ALA D 115 -10.21 -23.87 27.55
CA ALA D 115 -10.87 -23.46 26.31
C ALA D 115 -11.87 -24.47 25.76
N ASN D 116 -12.81 -23.97 24.96
CA ASN D 116 -13.70 -24.82 24.18
C ASN D 116 -14.52 -25.74 25.06
N ASP D 117 -15.06 -25.21 26.14
CA ASP D 117 -15.73 -26.03 27.12
C ASP D 117 -16.76 -25.21 27.87
N GLU D 118 -18.02 -25.47 27.57
CA GLU D 118 -19.13 -24.77 28.19
C GLU D 118 -18.98 -24.64 29.71
N ILE D 119 -18.86 -25.78 30.40
CA ILE D 119 -18.90 -25.79 31.87
C ILE D 119 -17.74 -25.03 32.49
N SER D 120 -16.57 -25.09 31.86
CA SER D 120 -15.40 -24.34 32.35
C SER D 120 -15.69 -22.84 32.32
N LEU D 121 -16.32 -22.36 31.24
CA LEU D 121 -16.71 -20.95 31.17
C LEU D 121 -17.82 -20.60 32.20
N ILE D 122 -18.89 -21.40 32.23
CA ILE D 122 -20.01 -21.23 33.16
C ILE D 122 -19.54 -21.09 34.61
N GLN D 123 -18.72 -22.05 35.05
CA GLN D 123 -18.15 -22.04 36.39
C GLN D 123 -17.26 -20.83 36.64
N ALA D 124 -16.61 -20.35 35.58
CA ALA D 124 -15.82 -19.11 35.68
C ALA D 124 -16.76 -17.93 35.97
N ILE D 125 -17.81 -17.82 35.15
CA ILE D 125 -18.77 -16.71 35.23
C ILE D 125 -19.49 -16.65 36.60
N ALA D 126 -19.73 -17.81 37.20
CA ALA D 126 -20.43 -17.89 38.50
C ALA D 126 -19.63 -17.23 39.62
N ASN D 127 -18.29 -17.21 39.50
CA ASN D 127 -17.40 -16.54 40.47
C ASN D 127 -17.15 -15.06 40.21
N GLN D 128 -17.23 -14.65 38.95
CA GLN D 128 -16.90 -13.27 38.54
C GLN D 128 -17.09 -13.10 37.04
N PRO D 129 -17.22 -11.82 36.58
CA PRO D 129 -17.23 -11.53 35.15
C PRO D 129 -15.93 -11.97 34.46
N VAL D 130 -16.08 -12.47 33.23
CA VAL D 130 -14.99 -13.09 32.48
C VAL D 130 -14.77 -12.35 31.16
N SER D 131 -13.50 -12.18 30.78
CA SER D 131 -13.16 -11.67 29.46
C SER D 131 -13.34 -12.80 28.49
N VAL D 132 -14.21 -12.60 27.50
CA VAL D 132 -14.46 -13.59 26.45
C VAL D 132 -14.37 -12.92 25.07
N VAL D 133 -14.28 -13.73 24.02
CA VAL D 133 -14.18 -13.20 22.65
C VAL D 133 -15.28 -13.73 21.76
N THR D 134 -15.56 -13.02 20.66
CA THR D 134 -16.54 -13.48 19.67
C THR D 134 -16.08 -13.11 18.28
N ASP D 135 -16.62 -13.82 17.29
CA ASP D 135 -16.55 -13.41 15.90
C ASP D 135 -17.72 -12.45 15.69
N SER D 136 -17.41 -11.16 15.57
CA SER D 136 -18.44 -10.11 15.49
C SER D 136 -18.70 -9.60 14.07
N ARG D 137 -18.18 -10.30 13.05
CA ARG D 137 -18.22 -9.80 11.67
C ARG D 137 -19.61 -9.88 11.05
N GLY D 138 -20.41 -10.84 11.51
CA GLY D 138 -21.76 -11.06 10.98
C GLY D 138 -22.67 -9.85 11.15
N ARG D 139 -23.64 -9.72 10.25
CA ARG D 139 -24.63 -8.64 10.28
C ARG D 139 -25.52 -8.75 11.49
N GLY D 140 -25.87 -9.99 11.84
CA GLY D 140 -26.65 -10.28 13.04
C GLY D 140 -26.00 -9.81 14.33
N PHE D 141 -24.66 -9.79 14.37
CA PHE D 141 -23.97 -9.25 15.54
C PHE D 141 -23.78 -7.73 15.41
N GLN D 142 -23.19 -7.30 14.30
CA GLN D 142 -22.94 -5.88 14.04
C GLN D 142 -24.20 -5.04 14.26
N PHE D 143 -25.36 -5.56 13.82
CA PHE D 143 -26.66 -4.85 13.92
C PHE D 143 -27.66 -5.50 14.92
N TYR D 144 -27.14 -6.29 15.86
CA TYR D 144 -27.95 -6.93 16.90
C TYR D 144 -28.70 -5.91 17.76
N LYS D 145 -29.99 -6.15 17.92
CA LYS D 145 -30.85 -5.26 18.71
C LYS D 145 -31.71 -6.02 19.74
N GLY D 146 -31.40 -7.29 19.99
CA GLY D 146 -32.09 -8.04 21.04
C GLY D 146 -32.44 -9.48 20.70
N GLY D 147 -32.68 -10.29 21.74
CA GLY D 147 -33.00 -11.70 21.59
C GLY D 147 -31.80 -12.57 21.94
N ILE D 148 -32.03 -13.87 22.09
CA ILE D 148 -30.91 -14.78 22.34
C ILE D 148 -30.25 -15.08 21.00
N TYR D 149 -29.05 -14.54 20.81
CA TYR D 149 -28.34 -14.65 19.54
C TYR D 149 -27.75 -16.04 19.30
N GLU D 150 -28.07 -16.60 18.15
CA GLU D 150 -27.67 -17.96 17.81
C GLU D 150 -26.80 -18.06 16.56
N GLY D 151 -26.73 -16.97 15.81
CA GLY D 151 -26.07 -16.97 14.51
C GLY D 151 -26.85 -16.17 13.47
N PRO D 152 -26.46 -16.26 12.19
CA PRO D 152 -25.28 -17.02 11.73
C PRO D 152 -24.00 -16.22 11.96
N CYS D 153 -22.99 -16.91 12.48
CA CYS D 153 -21.68 -16.32 12.73
C CYS D 153 -20.60 -17.41 12.62
N GLY D 154 -19.40 -17.00 12.22
CA GLY D 154 -18.25 -17.90 12.18
C GLY D 154 -17.60 -18.02 13.55
N THR D 155 -16.39 -18.55 13.58
CA THR D 155 -15.62 -18.66 14.83
C THR D 155 -14.27 -17.93 14.72
N ASN D 156 -14.13 -17.10 13.69
CA ASN D 156 -12.92 -16.33 13.48
C ASN D 156 -12.95 -15.07 14.34
N THR D 157 -12.70 -15.25 15.63
CA THR D 157 -12.93 -14.23 16.66
C THR D 157 -12.11 -12.98 16.43
N ASP D 158 -12.76 -11.82 16.59
CA ASP D 158 -12.11 -10.54 16.34
C ASP D 158 -12.50 -9.47 17.36
N HIS D 159 -13.22 -9.86 18.42
CA HIS D 159 -13.85 -8.87 19.30
C HIS D 159 -13.91 -9.34 20.75
N ALA D 160 -13.30 -8.55 21.65
CA ALA D 160 -13.25 -8.90 23.07
C ALA D 160 -14.32 -8.17 23.90
N VAL D 161 -15.08 -8.96 24.64
CA VAL D 161 -16.23 -8.47 25.41
C VAL D 161 -16.20 -9.10 26.81
N THR D 162 -17.26 -8.91 27.59
CA THR D 162 -17.28 -9.29 29.00
C THR D 162 -18.52 -10.08 29.34
N ALA D 163 -18.32 -11.36 29.68
CA ALA D 163 -19.40 -12.21 30.17
C ALA D 163 -19.71 -11.83 31.61
N VAL D 164 -20.87 -11.21 31.82
CA VAL D 164 -21.31 -10.75 33.16
C VAL D 164 -22.43 -11.61 33.78
N GLY D 165 -22.82 -12.67 33.08
CA GLY D 165 -23.76 -13.62 33.61
C GLY D 165 -24.06 -14.75 32.65
N TYR D 166 -25.04 -15.56 33.02
CA TYR D 166 -25.57 -16.61 32.16
C TYR D 166 -26.97 -16.98 32.62
N GLY D 167 -27.73 -17.57 31.70
CA GLY D 167 -29.00 -18.22 32.03
C GLY D 167 -28.90 -19.67 31.61
N LYS D 168 -30.03 -20.39 31.63
CA LYS D 168 -30.03 -21.81 31.25
C LYS D 168 -29.56 -22.02 29.81
N THR D 169 -29.96 -21.12 28.91
CA THR D 169 -29.70 -21.26 27.48
C THR D 169 -28.77 -20.18 26.90
N TYR D 170 -28.22 -19.30 27.73
CA TYR D 170 -27.44 -18.16 27.21
C TYR D 170 -26.30 -17.65 28.12
N LEU D 171 -25.37 -16.91 27.50
CA LEU D 171 -24.37 -16.15 28.23
C LEU D 171 -24.70 -14.67 28.10
N LEU D 172 -24.68 -13.97 29.22
CA LEU D 172 -24.99 -12.54 29.24
C LEU D 172 -23.72 -11.76 29.05
N LEU D 173 -23.68 -10.98 27.99
CA LEU D 173 -22.47 -10.26 27.63
C LEU D 173 -22.65 -8.74 27.59
N LYS D 174 -21.70 -8.05 28.24
CA LYS D 174 -21.55 -6.61 28.18
C LYS D 174 -20.66 -6.19 26.97
N ASN D 175 -21.26 -5.50 26.01
CA ASN D 175 -20.53 -4.97 24.90
C ASN D 175 -20.12 -3.52 25.18
N SER D 176 -19.16 -3.03 24.42
CA SER D 176 -18.62 -1.68 24.62
C SER D 176 -18.94 -0.77 23.43
N TRP D 177 -20.14 -0.96 22.87
CA TRP D 177 -20.59 -0.13 21.73
C TRP D 177 -21.70 0.84 22.13
N GLY D 178 -21.77 1.17 23.42
CA GLY D 178 -22.78 2.08 23.93
C GLY D 178 -24.13 1.40 24.17
N PRO D 179 -25.06 2.10 24.83
CA PRO D 179 -26.35 1.50 25.23
C PRO D 179 -27.36 1.35 24.09
N ASN D 180 -27.07 1.94 22.93
CA ASN D 180 -27.98 1.86 21.79
C ASN D 180 -27.77 0.62 20.91
N TRP D 181 -26.79 -0.20 21.27
CA TRP D 181 -26.61 -1.50 20.63
C TRP D 181 -27.18 -2.59 21.53
N GLY D 182 -27.83 -3.58 20.92
CA GLY D 182 -28.33 -4.74 21.64
C GLY D 182 -29.43 -4.43 22.62
N GLU D 183 -29.35 -5.09 23.78
CA GLU D 183 -30.31 -4.91 24.88
C GLU D 183 -29.69 -3.96 25.89
N LYS D 184 -29.85 -2.65 25.65
CA LYS D 184 -29.20 -1.59 26.45
C LYS D 184 -27.68 -1.77 26.53
N GLY D 185 -27.07 -2.26 25.45
CA GLY D 185 -25.62 -2.46 25.39
C GLY D 185 -25.18 -3.89 25.65
N TYR D 186 -26.15 -4.78 25.89
CA TYR D 186 -25.88 -6.19 26.21
C TYR D 186 -26.37 -7.13 25.10
N ILE D 187 -25.74 -8.30 25.03
CA ILE D 187 -26.20 -9.37 24.17
C ILE D 187 -26.32 -10.63 24.99
N ARG D 188 -27.40 -11.37 24.77
CA ARG D 188 -27.51 -12.73 25.27
C ARG D 188 -27.21 -13.65 24.10
N ILE D 189 -26.15 -14.43 24.23
CA ILE D 189 -25.68 -15.33 23.18
C ILE D 189 -25.98 -16.74 23.61
N LYS D 190 -26.44 -17.57 22.68
CA LYS D 190 -26.71 -18.98 22.94
C LYS D 190 -25.55 -19.68 23.67
N ARG D 191 -25.87 -20.45 24.71
CA ARG D 191 -24.95 -21.41 25.31
C ARG D 191 -24.88 -22.69 24.46
N ALA D 192 -23.77 -22.89 23.76
CA ALA D 192 -23.52 -24.18 23.11
C ALA D 192 -23.27 -25.22 24.19
N SER D 193 -23.69 -26.45 23.95
CA SER D 193 -23.59 -27.50 24.96
C SER D 193 -22.25 -28.23 24.87
N GLY D 194 -21.63 -28.43 26.04
CA GLY D 194 -20.44 -29.28 26.17
C GLY D 194 -19.15 -28.74 25.59
N ARG D 195 -18.35 -29.64 25.02
CA ARG D 195 -17.09 -29.28 24.40
C ARG D 195 -17.35 -28.77 23.00
N SER D 196 -17.03 -27.50 22.76
CA SER D 196 -17.08 -26.88 21.42
C SER D 196 -16.50 -25.47 21.47
N LYS D 197 -16.29 -24.88 20.30
CA LYS D 197 -15.81 -23.50 20.20
C LYS D 197 -16.86 -22.47 20.63
N GLY D 198 -18.12 -22.90 20.68
CA GLY D 198 -19.19 -22.09 21.21
C GLY D 198 -19.74 -21.17 20.15
N THR D 199 -20.95 -20.67 20.39
CA THR D 199 -21.63 -19.76 19.49
C THR D 199 -20.78 -18.55 19.21
N CYS D 200 -20.48 -18.32 17.92
CA CYS D 200 -19.58 -17.25 17.46
C CYS D 200 -18.15 -17.35 18.04
N GLY D 201 -17.78 -18.55 18.51
CA GLY D 201 -16.45 -18.80 19.06
C GLY D 201 -16.29 -18.27 20.49
N VAL D 202 -17.39 -18.14 21.19
CA VAL D 202 -17.40 -17.51 22.51
C VAL D 202 -16.70 -18.35 23.60
N TYR D 203 -16.48 -19.64 23.32
CA TYR D 203 -15.74 -20.52 24.26
C TYR D 203 -14.24 -20.59 23.98
N THR D 204 -13.78 -19.88 22.95
CA THR D 204 -12.41 -20.10 22.43
C THR D 204 -11.27 -19.47 23.23
N SER D 205 -11.53 -18.33 23.88
CA SER D 205 -10.46 -17.57 24.53
C SER D 205 -10.99 -16.74 25.69
N SER D 206 -10.98 -17.32 26.88
CA SER D 206 -11.55 -16.68 28.07
C SER D 206 -10.56 -16.55 29.23
N PHE D 207 -10.61 -15.42 29.93
CA PHE D 207 -9.67 -15.13 31.02
C PHE D 207 -10.38 -14.41 32.14
N PHE D 208 -9.89 -14.59 33.37
CA PHE D 208 -10.38 -13.82 34.51
C PHE D 208 -9.29 -13.39 35.45
N PRO D 209 -9.44 -12.20 36.04
CA PRO D 209 -8.44 -11.67 36.95
C PRO D 209 -8.55 -12.29 38.34
N ILE D 210 -7.44 -12.27 39.07
CA ILE D 210 -7.40 -12.73 40.45
C ILE D 210 -6.93 -11.59 41.34
N LYS D 211 -7.71 -11.29 42.36
CA LYS D 211 -7.40 -10.23 43.29
C LYS D 211 -7.29 -10.80 44.71
N GLY D 212 -6.05 -11.10 45.09
CA GLY D 212 -5.74 -11.54 46.45
C GLY D 212 -5.17 -10.38 47.25
#